data_7LCI
#
_entry.id   7LCI
#
_cell.length_a   1.00
_cell.length_b   1.00
_cell.length_c   1.00
_cell.angle_alpha   90.00
_cell.angle_beta   90.00
_cell.angle_gamma   90.00
#
_symmetry.space_group_name_H-M   'P 1'
#
loop_
_entity.id
_entity.type
_entity.pdbx_description
1 polymer 'Glucagon-like peptide 1 receptor'
2 polymer 'Guanine nucleotide-binding protein G(s) subunit alpha isoforms short'
3 polymer 'Guanine nucleotide-binding protein G(I)/G(S)/G(T) subunit beta-1'
4 polymer 'Guanine nucleotide-binding protein G(I)/G(S)/G(O) subunit gamma-2'
5 non-polymer '2-[(4-{6-[(4-cyano-2-fluorophenyl)methoxy]pyridin-2-yl}piperidin-1-yl)methyl]-1-{[(2S)-oxetan-2-yl]methyl}-1H-benzimidazole-6-carboxylic acid'
6 water water
#
loop_
_entity_poly.entity_id
_entity_poly.type
_entity_poly.pdbx_seq_one_letter_code
_entity_poly.pdbx_strand_id
1 'polypeptide(L)'
;MKTIIALSYIFCLVFADYKDDDDLEVLFQGPARPQGATVSLWETVQKWREYRRQCQRSLTEDPPPATDLFCNRTFDEYAC
WPDGEPGSFVNVSCPWYLPWASSVPQGHVYRFCTAEGLWLQKDNSSLPWRDLSECEESKRGERSSPEEQLLFLYIIYTVG
YALSFSALVIASAILLGFRHLHCTRNYIHLNLFASFILRALSVFIKDAALKWMYSTAAQQHQWDGLLSYQDSLSCRLVFL
LMQYCVAANYYWLLVEGVYLYTLLAFSVFSEQWIFRLYVSIGWGVPLLFVVPWGIVKYLYEDEGCWTRNSNMNYWLIIRL
PILFAIGVNFLIFVRVICIVVSKLKANLMCKTDIKCRLAKSTLTLIPLLGTHEVIFAFVMDEHARGTLRFIKLFTELSFT
SFQGLMVAILYCFVNNEVQLEFRKSWERWRLEHLHIQRDSSMKPLKCPTSSLSSGATAGSSMYTATCQASCSPAGLEVLF
QGPHHHHHHHH
;
R
2 'polypeptide(L)'
;MGCLGNSKTEDQRNEEKAQREANKKIEKQLQKDKQVYRATHRLLLLGAGESGKNTIVKQMRILHVNGFNGEGGEEDPQAA
RSNSDGEKATKVQDIKNNLKEAIETIVAAMSNLVPPVELANPENQFRVDYILSVMNVPDFDFPPEFYEHAKALWEDEGVR
ACYERSNEYQLIDCAQYFLDKIDVIKQADYVPSDQDLLRCRVLTSGIFETKFQVDKVNFHMFDVGAQRDERRKWIQCFND
VTAIIFVVASSSYNMVIREDNQTNRLQAALKLFDSIWNNKWLRDTSVILFLNKQDLLAEKVLAGKSKIEDYFPEFARYTT
PEDATPEPGEDPRVTRAKYFIRDEFLRISTASGDGRHYCYPHFTCSVDTENIRRVFNDCRDIIQRMHLRQYELL
;
A
3 'polypeptide(L)'
;QSELDQLRQEAEQLKNQIRDARKACADATLSQITNNIDPVGRIQMRTRRTLRGHLAKIYAMHWGTDSRLLVSASQDGKLI
IWDSYTTNKVHAIPLRSSWVMTCAYAPSGNYVACGGLDNICSIYNLKTREGNVRVSRELAGHTGYLSCCRFLDDNQIVTS
SGDTTCALWDIETGQQTTTFTGHTGDVMSLSLAPDTRLFVSGACDASAKLWDVREGMCRQTFTGHESDINAICFFPNGNA
FATGSDDATCRLFDLRADQELMTYSHDNIICGITSVSFSKSGRLLLAGYDDFNCNVWDALKADRAGVLAGHDNRVSCLGV
TDDGMAVATGSWDSFLKIWN
;
B
4 'polypeptide(L)' NTASIAQARKLVEQLKMEANIDRIKVSKAAADLMAYCEAHAKEDPLLTPVPASENPFR G
#
loop_
_chem_comp.id
_chem_comp.type
_chem_comp.name
_chem_comp.formula
UK4 non-polymer '2-[(4-{6-[(4-cyano-2-fluorophenyl)methoxy]pyridin-2-yl}piperidin-1-yl)methyl]-1-{[(2S)-oxetan-2-yl]methyl}-1H-benzimidazole-6-carboxylic acid' 'C31 H30 F N5 O4'
#
# COMPACT_ATOMS: atom_id res chain seq x y z
N ALA A 37 23.15 47.81 12.24
CA ALA A 37 22.05 47.01 11.73
C ALA A 37 22.05 46.97 10.22
N THR A 38 22.39 48.09 9.60
CA THR A 38 22.45 48.19 8.14
C THR A 38 23.85 47.95 7.60
N VAL A 39 24.89 48.19 8.39
CA VAL A 39 26.26 47.99 7.98
C VAL A 39 26.97 47.11 9.00
N SER A 40 27.84 46.24 8.51
CA SER A 40 28.67 45.39 9.36
C SER A 40 30.04 45.30 8.71
N LEU A 41 30.82 44.29 9.12
CA LEU A 41 32.18 44.11 8.58
C LEU A 41 32.12 43.82 7.07
N TRP A 42 30.96 43.38 6.57
CA TRP A 42 30.82 43.06 5.15
C TRP A 42 31.06 44.29 4.29
N GLU A 43 30.32 45.36 4.55
CA GLU A 43 30.48 46.58 3.76
C GLU A 43 31.74 47.35 4.12
N THR A 44 32.28 47.18 5.32
CA THR A 44 33.60 47.74 5.62
C THR A 44 34.65 47.13 4.70
N VAL A 45 34.64 45.80 4.55
CA VAL A 45 35.58 45.13 3.68
C VAL A 45 35.33 45.49 2.22
N GLN A 46 34.06 45.56 1.80
CA GLN A 46 33.76 45.93 0.42
C GLN A 46 34.11 47.37 0.09
N LYS A 47 34.10 48.27 1.07
CA LYS A 47 34.60 49.62 0.85
C LYS A 47 36.11 49.66 0.80
N TRP A 48 36.76 48.88 1.68
CA TRP A 48 38.22 48.80 1.67
C TRP A 48 38.72 48.23 0.36
N ARG A 49 37.94 47.37 -0.30
CA ARG A 49 38.34 46.83 -1.60
C ARG A 49 38.49 47.93 -2.64
N GLU A 50 37.45 48.75 -2.80
CA GLU A 50 37.51 49.82 -3.79
C GLU A 50 38.51 50.90 -3.38
N TYR A 51 38.68 51.11 -2.08
CA TYR A 51 39.71 52.03 -1.60
C TYR A 51 41.10 51.54 -2.02
N ARG A 52 41.35 50.24 -1.86
CA ARG A 52 42.61 49.67 -2.30
C ARG A 52 42.77 49.81 -3.81
N ARG A 53 41.67 49.67 -4.56
CA ARG A 53 41.74 49.86 -6.01
C ARG A 53 42.19 51.27 -6.35
N GLN A 54 41.55 52.27 -5.72
CA GLN A 54 41.90 53.66 -6.00
C GLN A 54 43.34 53.96 -5.62
N CYS A 55 43.80 53.44 -4.47
CA CYS A 55 45.16 53.72 -4.05
C CYS A 55 46.19 52.98 -4.90
N GLN A 56 45.86 51.78 -5.37
CA GLN A 56 46.76 51.11 -6.30
C GLN A 56 46.91 51.90 -7.58
N ARG A 57 45.79 52.42 -8.12
CA ARG A 57 45.88 53.26 -9.30
C ARG A 57 46.69 54.51 -9.02
N SER A 58 46.47 55.14 -7.86
CA SER A 58 47.21 56.35 -7.51
C SER A 58 48.71 56.07 -7.41
N LEU A 59 49.08 54.96 -6.77
CA LEU A 59 50.48 54.61 -6.65
C LEU A 59 51.10 54.37 -8.02
N THR A 60 50.37 53.69 -8.90
CA THR A 60 50.92 53.39 -10.23
C THR A 60 51.10 54.65 -11.06
N GLU A 61 50.15 55.57 -11.01
CA GLU A 61 50.16 56.74 -11.90
C GLU A 61 50.34 58.06 -11.17
N ASP A 62 50.75 58.02 -9.90
CA ASP A 62 51.10 59.38 -9.45
C ASP A 62 52.46 59.78 -10.02
N PRO A 63 52.58 61.01 -10.48
CA PRO A 63 53.86 61.48 -11.04
C PRO A 63 54.96 61.44 -9.99
N PRO A 64 56.15 61.01 -10.35
CA PRO A 64 57.28 61.03 -9.41
C PRO A 64 57.57 62.46 -8.95
N PRO A 65 57.92 62.64 -7.68
CA PRO A 65 58.27 63.98 -7.21
C PRO A 65 59.53 64.49 -7.91
N ALA A 66 59.57 65.81 -8.14
CA ALA A 66 60.71 66.41 -8.80
C ALA A 66 61.97 66.26 -7.96
N THR A 67 61.87 66.50 -6.66
CA THR A 67 63.02 66.38 -5.79
C THR A 67 63.37 64.92 -5.54
N ASP A 68 64.67 64.65 -5.40
CA ASP A 68 65.14 63.32 -5.06
C ASP A 68 65.20 63.17 -3.53
N LEU A 69 65.78 62.07 -3.05
CA LEU A 69 65.81 61.74 -1.64
C LEU A 69 64.40 61.75 -1.05
N PHE A 70 63.46 61.20 -1.79
CA PHE A 70 62.06 61.13 -1.36
C PHE A 70 61.87 59.97 -0.38
N CYS A 71 60.62 59.73 -0.04
CA CYS A 71 60.25 58.72 0.94
C CYS A 71 59.15 57.85 0.35
N ASN A 72 59.49 56.61 0.04
CA ASN A 72 58.67 55.77 -0.83
C ASN A 72 57.24 55.66 -0.32
N ARG A 73 56.28 55.95 -1.21
CA ARG A 73 54.87 55.81 -0.90
C ARG A 73 54.48 54.34 -0.87
N THR A 74 53.51 54.01 -0.02
CA THR A 74 53.09 52.63 0.16
C THR A 74 51.67 52.58 0.69
N PHE A 75 51.07 51.40 0.58
CA PHE A 75 49.75 51.10 1.11
C PHE A 75 49.90 49.92 2.06
N ASP A 76 49.68 50.17 3.36
CA ASP A 76 49.92 49.19 4.40
C ASP A 76 48.65 48.57 4.95
N GLU A 77 47.65 48.35 4.07
CA GLU A 77 46.41 47.66 4.39
C GLU A 77 45.51 48.49 5.30
N TYR A 78 46.01 49.62 5.79
CA TYR A 78 45.23 50.51 6.64
C TYR A 78 45.07 51.88 6.02
N ALA A 79 46.16 52.54 5.65
CA ALA A 79 46.12 53.90 5.11
C ALA A 79 46.90 53.93 3.80
N CYS A 80 46.89 55.09 3.17
CA CYS A 80 47.40 55.26 1.81
C CYS A 80 48.37 56.44 1.83
N TRP A 81 49.62 56.14 2.17
CA TRP A 81 50.60 57.20 2.45
C TRP A 81 51.32 57.60 1.18
N PRO A 82 51.22 58.86 0.75
CA PRO A 82 51.95 59.30 -0.44
C PRO A 82 53.42 59.57 -0.12
N ASP A 83 54.16 59.94 -1.17
CA ASP A 83 55.57 60.26 -1.01
C ASP A 83 55.72 61.51 -0.16
N GLY A 84 56.57 61.44 0.86
CA GLY A 84 56.70 62.52 1.81
C GLY A 84 58.07 63.15 1.89
N GLU A 85 58.13 64.39 2.39
CA GLU A 85 59.39 65.08 2.57
C GLU A 85 60.20 64.39 3.68
N PRO A 86 61.52 64.52 3.66
CA PRO A 86 62.33 63.91 4.73
C PRO A 86 62.34 64.79 5.98
N GLY A 87 62.37 64.13 7.13
CA GLY A 87 62.38 64.81 8.40
C GLY A 87 61.11 65.59 8.67
N SER A 88 60.05 65.28 7.93
CA SER A 88 58.79 66.00 8.02
C SER A 88 57.64 65.02 8.23
N PHE A 89 56.64 65.44 9.00
CA PHE A 89 55.45 64.63 9.19
C PHE A 89 54.72 64.44 7.87
N VAL A 90 54.02 63.32 7.76
CA VAL A 90 53.18 63.02 6.60
C VAL A 90 51.73 63.11 7.03
N ASN A 91 50.97 64.00 6.38
CA ASN A 91 49.57 64.26 6.71
C ASN A 91 48.71 63.49 5.71
N VAL A 92 48.06 62.45 6.18
CA VAL A 92 47.18 61.63 5.35
C VAL A 92 45.76 61.72 5.90
N SER A 93 44.82 62.05 5.03
CA SER A 93 43.41 62.07 5.43
C SER A 93 42.97 60.66 5.83
N CYS A 94 42.15 60.58 6.86
CA CYS A 94 41.72 59.28 7.36
C CYS A 94 40.91 58.56 6.29
N PRO A 95 41.14 57.28 6.06
CA PRO A 95 40.53 56.59 4.93
C PRO A 95 39.02 56.52 5.04
N TRP A 96 38.37 56.50 3.89
CA TRP A 96 36.92 56.59 3.79
C TRP A 96 36.22 55.24 3.79
N TYR A 97 36.92 54.14 4.05
CA TYR A 97 36.26 52.84 4.14
C TYR A 97 35.86 52.49 5.57
N LEU A 98 36.44 53.14 6.57
CA LEU A 98 36.11 52.82 7.95
C LEU A 98 34.66 53.19 8.25
N PRO A 99 33.94 52.37 9.01
CA PRO A 99 32.54 52.71 9.35
C PRO A 99 32.42 53.96 10.19
N TRP A 100 33.47 54.36 10.90
CA TRP A 100 33.43 55.50 11.81
C TRP A 100 34.03 56.76 11.20
N ALA A 101 34.09 56.82 9.86
CA ALA A 101 34.64 58.00 9.21
C ALA A 101 33.69 59.19 9.23
N SER A 102 32.43 58.98 9.59
CA SER A 102 31.49 60.10 9.71
C SER A 102 31.90 61.06 10.83
N SER A 103 32.31 60.52 11.97
CA SER A 103 32.64 61.35 13.12
C SER A 103 33.99 62.05 12.99
N VAL A 104 34.83 61.64 12.06
CA VAL A 104 36.17 62.23 11.93
C VAL A 104 36.47 62.60 10.47
N PRO A 105 35.73 63.51 9.84
CA PRO A 105 36.11 63.94 8.49
C PRO A 105 37.36 64.80 8.47
N GLN A 106 37.72 65.42 9.59
CA GLN A 106 38.91 66.24 9.71
C GLN A 106 40.12 65.47 10.22
N GLY A 107 39.95 64.19 10.55
CA GLY A 107 41.04 63.44 11.14
C GLY A 107 42.16 63.14 10.16
N HIS A 108 43.33 62.85 10.72
CA HIS A 108 44.50 62.43 9.96
C HIS A 108 45.24 61.34 10.71
N VAL A 109 46.02 60.57 9.97
CA VAL A 109 46.92 59.57 10.53
C VAL A 109 48.33 59.93 10.10
N TYR A 110 49.31 59.56 10.93
CA TYR A 110 50.63 60.16 10.86
C TYR A 110 51.72 59.11 10.75
N ARG A 111 52.66 59.34 9.84
CA ARG A 111 53.94 58.64 9.80
C ARG A 111 55.04 59.67 9.57
N PHE A 112 56.14 59.51 10.31
CA PHE A 112 57.23 60.47 10.29
C PHE A 112 58.38 59.87 9.49
N CYS A 113 58.63 60.42 8.30
CA CYS A 113 59.80 60.00 7.55
C CYS A 113 61.01 60.79 8.01
N THR A 114 62.14 60.10 8.10
CA THR A 114 63.35 60.64 8.71
C THR A 114 64.21 61.36 7.70
N ALA A 115 65.16 62.14 8.20
CA ALA A 115 66.08 62.89 7.36
C ALA A 115 67.03 61.99 6.58
N GLU A 116 67.11 60.71 6.92
CA GLU A 116 67.94 59.76 6.20
C GLU A 116 67.16 59.01 5.13
N GLY A 117 65.89 59.35 4.92
CA GLY A 117 65.12 58.80 3.82
C GLY A 117 64.41 57.50 4.13
N LEU A 118 63.72 57.44 5.26
CA LEU A 118 62.95 56.26 5.64
C LEU A 118 62.03 56.65 6.78
N TRP A 119 60.91 55.92 6.90
CA TRP A 119 59.95 56.19 7.96
C TRP A 119 60.57 55.91 9.33
N LEU A 120 59.81 56.22 10.38
CA LEU A 120 60.27 56.05 11.75
C LEU A 120 59.88 54.65 12.21
N GLN A 121 60.87 53.79 12.41
CA GLN A 121 60.61 52.44 12.89
C GLN A 121 60.37 52.46 14.40
N LYS A 122 59.29 51.81 14.84
CA LYS A 122 58.97 51.78 16.26
C LYS A 122 60.01 50.99 17.05
N ASP A 123 60.34 49.80 16.57
CA ASP A 123 61.32 48.94 17.24
C ASP A 123 62.28 48.35 16.22
N LEU A 127 55.54 47.34 10.78
CA LEU A 127 55.04 48.64 10.35
C LEU A 127 55.69 49.77 11.14
N PRO A 128 56.25 50.75 10.43
CA PRO A 128 56.89 51.88 11.11
C PRO A 128 55.90 52.65 11.95
N TRP A 129 56.43 53.57 12.75
CA TRP A 129 55.63 54.33 13.70
C TRP A 129 54.49 55.05 13.01
N ARG A 130 53.27 54.82 13.50
CA ARG A 130 52.10 55.55 13.04
C ARG A 130 51.22 55.87 14.24
N ASP A 131 50.76 57.12 14.32
CA ASP A 131 49.91 57.58 15.41
C ASP A 131 48.49 57.74 14.86
N LEU A 132 47.71 56.66 14.94
CA LEU A 132 46.35 56.65 14.43
C LEU A 132 45.32 56.91 15.53
N SER A 133 45.72 57.56 16.63
CA SER A 133 44.78 57.85 17.70
C SER A 133 43.71 58.85 17.25
N GLU A 134 44.07 59.78 16.36
CA GLU A 134 43.13 60.82 15.95
C GLU A 134 41.91 60.26 15.23
N CYS A 135 42.00 59.07 14.64
CA CYS A 135 40.87 58.42 13.99
C CYS A 135 40.69 57.03 14.59
N GLU A 136 39.96 56.97 15.69
CA GLU A 136 39.58 55.74 16.34
C GLU A 136 38.07 55.56 16.23
N GLU A 137 37.56 54.52 16.88
CA GLU A 137 36.13 54.26 16.95
C GLU A 137 35.63 54.52 18.37
N SER A 138 34.45 55.11 18.47
CA SER A 138 33.84 55.37 19.76
C SER A 138 33.49 54.05 20.46
N LYS A 139 33.25 54.14 21.76
CA LYS A 139 32.91 52.96 22.55
C LYS A 139 31.55 52.41 22.12
N ARG A 140 31.43 51.09 22.14
CA ARG A 140 30.16 50.43 21.83
C ARG A 140 29.33 50.36 23.11
N GLY A 141 28.23 51.11 23.14
CA GLY A 141 27.42 51.20 24.35
C GLY A 141 26.45 50.04 24.52
N GLU A 142 26.98 48.88 24.90
CA GLU A 142 26.20 47.68 25.16
C GLU A 142 25.38 47.23 23.95
N ARG A 143 25.86 47.48 22.74
CA ARG A 143 25.13 47.15 21.53
C ARG A 143 25.61 45.83 20.97
N SER A 144 24.67 44.95 20.65
CA SER A 144 24.97 43.67 19.99
C SER A 144 24.85 43.88 18.49
N SER A 145 25.99 44.03 17.82
CA SER A 145 26.04 44.39 16.42
C SER A 145 25.41 43.29 15.56
N PRO A 146 25.24 43.55 14.25
CA PRO A 146 24.72 42.50 13.37
C PRO A 146 25.60 41.25 13.29
N GLU A 147 26.88 41.32 13.64
CA GLU A 147 27.70 40.12 13.64
C GLU A 147 27.33 39.19 14.79
N GLU A 148 27.18 39.74 15.99
CA GLU A 148 26.80 38.93 17.15
C GLU A 148 25.38 38.39 17.05
N GLN A 149 24.58 38.92 16.14
CA GLN A 149 23.23 38.43 15.88
C GLN A 149 23.23 37.39 14.76
N LEU A 150 23.98 37.66 13.69
CA LEU A 150 24.14 36.68 12.63
C LEU A 150 24.76 35.39 13.17
N LEU A 151 25.62 35.49 14.18
CA LEU A 151 26.19 34.30 14.78
C LEU A 151 25.13 33.44 15.46
N PHE A 152 24.23 34.07 16.22
CA PHE A 152 23.13 33.33 16.86
C PHE A 152 22.21 32.71 15.82
N LEU A 153 21.91 33.45 14.76
CA LEU A 153 21.08 32.89 13.69
C LEU A 153 21.77 31.72 13.01
N TYR A 154 23.08 31.81 12.80
CA TYR A 154 23.84 30.70 12.24
C TYR A 154 23.77 29.48 13.14
N ILE A 155 23.92 29.69 14.45
CA ILE A 155 23.82 28.57 15.39
C ILE A 155 22.48 27.89 15.26
N ILE A 156 21.41 28.69 15.24
CA ILE A 156 20.07 28.11 15.21
C ILE A 156 19.82 27.35 13.92
N TYR A 157 20.15 27.93 12.77
CA TYR A 157 19.78 27.19 11.56
C TYR A 157 20.74 26.03 11.28
N THR A 158 21.98 26.09 11.76
CA THR A 158 22.84 24.91 11.67
C THR A 158 22.32 23.78 12.55
N VAL A 159 21.85 24.09 13.75
CA VAL A 159 21.23 23.07 14.59
C VAL A 159 19.98 22.52 13.91
N GLY A 160 19.19 23.40 13.29
CA GLY A 160 17.97 22.95 12.62
C GLY A 160 18.24 22.01 11.47
N TYR A 161 19.20 22.38 10.60
CA TYR A 161 19.60 21.46 9.55
C TYR A 161 20.29 20.20 10.07
N ALA A 162 20.96 20.27 11.22
CA ALA A 162 21.51 19.04 11.77
C ALA A 162 20.39 18.07 12.18
N LEU A 163 19.39 18.59 12.89
CA LEU A 163 18.27 17.76 13.31
C LEU A 163 17.48 17.26 12.11
N SER A 164 17.26 18.12 11.11
CA SER A 164 16.57 17.69 9.90
C SER A 164 17.35 16.63 9.15
N PHE A 165 18.67 16.79 9.04
CA PHE A 165 19.50 15.81 8.37
C PHE A 165 19.42 14.46 9.08
N SER A 166 19.52 14.46 10.41
CA SER A 166 19.50 13.20 11.15
C SER A 166 18.13 12.53 11.05
N ALA A 167 17.07 13.28 11.33
CA ALA A 167 15.73 12.71 11.24
C ALA A 167 15.43 12.23 9.83
N LEU A 168 15.90 12.94 8.81
CA LEU A 168 15.58 12.58 7.44
C LEU A 168 16.39 11.38 6.96
N VAL A 169 17.63 11.22 7.40
CA VAL A 169 18.34 9.99 7.05
C VAL A 169 17.72 8.79 7.74
N ILE A 170 17.28 8.97 8.99
CA ILE A 170 16.58 7.88 9.69
C ILE A 170 15.28 7.55 8.97
N ALA A 171 14.52 8.57 8.58
CA ALA A 171 13.24 8.35 7.92
C ALA A 171 13.42 7.72 6.55
N SER A 172 14.46 8.10 5.82
CA SER A 172 14.75 7.47 4.54
C SER A 172 15.14 6.01 4.75
N ALA A 173 15.92 5.73 5.80
CA ALA A 173 16.24 4.34 6.11
C ALA A 173 14.99 3.53 6.40
N ILE A 174 14.05 4.12 7.14
CA ILE A 174 12.82 3.41 7.46
C ILE A 174 11.97 3.18 6.21
N LEU A 175 11.84 4.21 5.37
CA LEU A 175 11.01 4.09 4.17
C LEU A 175 11.64 3.20 3.10
N LEU A 176 12.96 3.02 3.14
CA LEU A 176 13.61 2.14 2.18
C LEU A 176 13.81 0.73 2.70
N GLY A 177 13.83 0.54 4.02
CA GLY A 177 14.00 -0.77 4.59
C GLY A 177 12.79 -1.66 4.39
N PHE A 178 11.67 -1.28 4.99
CA PHE A 178 10.43 -2.05 4.84
C PHE A 178 9.99 -2.03 3.39
N ARG A 179 9.90 -3.21 2.78
CA ARG A 179 9.56 -3.33 1.37
C ARG A 179 8.09 -3.06 1.09
N HIS A 180 7.23 -3.19 2.10
CA HIS A 180 5.81 -2.91 1.90
C HIS A 180 5.52 -1.43 1.78
N LEU A 181 6.39 -0.57 2.31
CA LEU A 181 6.22 0.88 2.23
C LEU A 181 6.84 1.44 0.94
N HIS A 182 6.48 0.85 -0.20
CA HIS A 182 7.04 1.24 -1.49
C HIS A 182 5.89 1.63 -2.41
N CYS A 183 5.46 2.89 -2.31
CA CYS A 183 4.40 3.44 -3.13
C CYS A 183 4.98 4.55 -4.00
N THR A 184 4.17 5.06 -4.93
CA THR A 184 4.61 6.23 -5.68
C THR A 184 4.69 7.46 -4.78
N ARG A 185 3.72 7.61 -3.87
CA ARG A 185 3.78 8.71 -2.93
C ARG A 185 4.99 8.58 -2.01
N ASN A 186 5.38 7.35 -1.68
CA ASN A 186 6.57 7.20 -0.83
C ASN A 186 7.85 7.45 -1.60
N TYR A 187 7.87 7.17 -2.90
CA TYR A 187 9.01 7.57 -3.72
C TYR A 187 9.11 9.09 -3.80
N ILE A 188 7.97 9.77 -3.94
CA ILE A 188 7.99 11.23 -3.95
C ILE A 188 8.43 11.77 -2.59
N HIS A 189 8.01 11.12 -1.51
CA HIS A 189 8.48 11.51 -0.18
C HIS A 189 9.99 11.31 -0.07
N LEU A 190 10.51 10.22 -0.61
CA LEU A 190 11.95 9.98 -0.57
C LEU A 190 12.71 11.06 -1.34
N ASN A 191 12.20 11.44 -2.51
CA ASN A 191 12.85 12.50 -3.28
C ASN A 191 12.80 13.83 -2.54
N LEU A 192 11.68 14.13 -1.88
CA LEU A 192 11.60 15.35 -1.08
C LEU A 192 12.59 15.30 0.08
N PHE A 193 12.72 14.14 0.73
CA PHE A 193 13.71 13.97 1.79
C PHE A 193 15.11 14.22 1.26
N ALA A 194 15.41 13.70 0.08
CA ALA A 194 16.72 13.91 -0.53
C ALA A 194 16.97 15.38 -0.83
N SER A 195 15.94 16.09 -1.32
CA SER A 195 16.10 17.52 -1.59
C SER A 195 16.37 18.29 -0.31
N PHE A 196 15.65 17.97 0.77
CA PHE A 196 15.91 18.62 2.05
C PHE A 196 17.31 18.33 2.55
N ILE A 197 17.74 17.08 2.45
CA ILE A 197 19.07 16.68 2.92
C ILE A 197 20.15 17.38 2.12
N LEU A 198 19.99 17.45 0.79
CA LEU A 198 20.96 18.12 -0.04
C LEU A 198 21.02 19.62 0.24
N ARG A 199 19.87 20.26 0.50
CA ARG A 199 19.89 21.68 0.83
C ARG A 199 20.61 21.92 2.15
N ALA A 200 20.34 21.09 3.17
CA ALA A 200 21.04 21.25 4.44
C ALA A 200 22.54 21.01 4.28
N LEU A 201 22.91 19.99 3.50
CA LEU A 201 24.33 19.71 3.29
C LEU A 201 25.01 20.85 2.54
N SER A 202 24.33 21.42 1.54
CA SER A 202 24.91 22.54 0.79
C SER A 202 25.11 23.75 1.69
N VAL A 203 24.17 24.01 2.59
CA VAL A 203 24.35 25.09 3.55
C VAL A 203 25.53 24.81 4.47
N PHE A 204 25.66 23.56 4.94
CA PHE A 204 26.81 23.17 5.74
C PHE A 204 28.11 23.45 5.02
N ILE A 205 28.20 23.02 3.75
CA ILE A 205 29.42 23.19 2.97
C ILE A 205 29.71 24.67 2.75
N LYS A 206 28.68 25.46 2.43
CA LYS A 206 28.86 26.89 2.24
C LYS A 206 29.42 27.53 3.50
N ASP A 207 28.79 27.28 4.65
CA ASP A 207 29.24 27.92 5.88
C ASP A 207 30.64 27.46 6.28
N ALA A 208 30.94 26.17 6.09
CA ALA A 208 32.23 25.65 6.51
C ALA A 208 33.36 26.06 5.55
N ALA A 209 33.04 26.34 4.30
CA ALA A 209 34.07 26.68 3.33
C ALA A 209 34.67 28.05 3.61
N LEU A 210 33.83 29.06 3.83
CA LEU A 210 34.29 30.37 4.29
C LEU A 210 33.95 30.46 5.78
N LYS A 211 34.95 30.26 6.62
CA LYS A 211 34.72 30.23 8.05
C LYS A 211 34.48 31.64 8.58
N TRP A 212 33.37 32.25 8.17
CA TRP A 212 32.98 33.55 8.69
C TRP A 212 32.57 33.49 10.15
N MET A 213 32.38 32.29 10.70
CA MET A 213 31.96 32.15 12.10
C MET A 213 32.97 32.74 13.06
N TYR A 214 34.23 32.82 12.66
CA TYR A 214 35.29 33.35 13.50
C TYR A 214 35.80 34.71 13.04
N SER A 215 35.69 35.01 11.74
CA SER A 215 36.23 36.22 11.15
C SER A 215 35.35 37.44 11.34
N THR A 216 34.36 37.39 12.24
CA THR A 216 33.52 38.57 12.46
C THR A 216 34.27 39.69 13.17
N ALA A 217 35.46 39.43 13.70
CA ALA A 217 36.29 40.45 14.31
C ALA A 217 37.64 40.57 13.62
N ALA A 218 37.70 40.22 12.34
CA ALA A 218 38.96 40.22 11.61
C ALA A 218 39.51 41.64 11.47
N GLN A 219 40.80 41.79 11.74
CA GLN A 219 41.48 43.08 11.65
C GLN A 219 41.90 43.33 10.21
N GLN A 220 42.62 44.43 9.98
CA GLN A 220 42.95 44.84 8.61
C GLN A 220 43.74 43.76 7.89
N HIS A 221 44.68 43.12 8.58
CA HIS A 221 45.54 42.13 7.93
C HIS A 221 44.78 40.89 7.48
N GLN A 222 43.57 40.66 8.00
CA GLN A 222 42.78 39.51 7.61
C GLN A 222 41.81 39.80 6.47
N TRP A 223 41.65 41.07 6.08
CA TRP A 223 40.71 41.42 5.02
C TRP A 223 41.20 41.06 3.64
N ASP A 224 42.52 40.91 3.44
CA ASP A 224 43.01 40.56 2.12
C ASP A 224 42.62 39.13 1.74
N GLY A 225 42.78 38.18 2.67
CA GLY A 225 42.31 36.84 2.42
C GLY A 225 40.79 36.76 2.33
N LEU A 226 40.10 37.53 3.19
CA LEU A 226 38.64 37.59 3.14
C LEU A 226 38.13 38.06 1.79
N LEU A 227 38.90 38.89 1.08
CA LEU A 227 38.48 39.38 -0.23
C LEU A 227 38.98 38.52 -1.38
N SER A 228 40.16 37.91 -1.24
CA SER A 228 40.64 37.02 -2.28
C SER A 228 39.89 35.71 -2.30
N TYR A 229 39.27 35.31 -1.18
CA TYR A 229 38.41 34.13 -1.22
C TYR A 229 37.09 34.43 -1.90
N GLN A 230 36.53 35.62 -1.66
CA GLN A 230 35.22 35.96 -2.21
C GLN A 230 35.23 35.92 -3.73
N ASP A 231 36.25 36.52 -4.34
CA ASP A 231 36.31 36.52 -5.80
C ASP A 231 37.04 35.31 -6.36
N SER A 232 37.19 34.24 -5.57
CA SER A 232 37.76 33.00 -6.06
C SER A 232 36.66 32.10 -6.61
N LEU A 233 37.06 31.18 -7.49
CA LEU A 233 36.09 30.32 -8.16
C LEU A 233 35.42 29.36 -7.18
N SER A 234 36.13 28.94 -6.13
CA SER A 234 35.57 27.96 -5.20
C SER A 234 34.35 28.54 -4.49
N CYS A 235 34.45 29.80 -4.05
CA CYS A 235 33.29 30.44 -3.41
C CYS A 235 32.11 30.54 -4.36
N ARG A 236 32.37 30.94 -5.61
CA ARG A 236 31.28 31.06 -6.58
C ARG A 236 30.62 29.72 -6.84
N LEU A 237 31.41 28.67 -6.99
CA LEU A 237 30.83 27.35 -7.27
C LEU A 237 30.06 26.82 -6.06
N VAL A 238 30.57 27.06 -4.85
CA VAL A 238 29.84 26.63 -3.65
C VAL A 238 28.52 27.38 -3.54
N PHE A 239 28.53 28.69 -3.80
CA PHE A 239 27.30 29.47 -3.78
C PHE A 239 26.32 28.97 -4.84
N LEU A 240 26.81 28.67 -6.04
CA LEU A 240 25.96 28.17 -7.11
C LEU A 240 25.33 26.84 -6.75
N LEU A 241 26.11 25.94 -6.16
CA LEU A 241 25.56 24.66 -5.71
C LEU A 241 24.49 24.86 -4.65
N MET A 242 24.73 25.77 -3.71
CA MET A 242 23.71 26.04 -2.69
C MET A 242 22.44 26.58 -3.30
N GLN A 243 22.60 27.50 -4.27
CA GLN A 243 21.45 28.08 -5.01
C GLN A 243 20.65 26.95 -5.66
N TYR A 244 21.35 26.02 -6.33
CA TYR A 244 20.66 24.93 -7.00
C TYR A 244 19.93 24.02 -6.02
N CYS A 245 20.56 23.71 -4.88
CA CYS A 245 19.88 22.86 -3.91
C CYS A 245 18.64 23.55 -3.36
N VAL A 246 18.71 24.86 -3.16
CA VAL A 246 17.54 25.63 -2.72
C VAL A 246 16.41 25.52 -3.75
N ALA A 247 16.74 25.74 -5.02
CA ALA A 247 15.73 25.67 -6.08
C ALA A 247 15.15 24.27 -6.19
N ALA A 248 15.99 23.24 -6.06
CA ALA A 248 15.51 21.87 -6.14
C ALA A 248 14.58 21.54 -4.99
N ASN A 249 14.89 22.01 -3.78
CA ASN A 249 14.00 21.78 -2.66
C ASN A 249 12.64 22.45 -2.90
N TYR A 250 12.64 23.68 -3.40
CA TYR A 250 11.38 24.35 -3.69
C TYR A 250 10.59 23.59 -4.75
N TYR A 251 11.24 23.15 -5.81
CA TYR A 251 10.52 22.46 -6.86
C TYR A 251 10.07 21.07 -6.45
N TRP A 252 10.73 20.44 -5.48
CA TRP A 252 10.22 19.16 -4.99
C TRP A 252 9.04 19.34 -4.04
N LEU A 253 9.00 20.42 -3.26
CA LEU A 253 7.75 20.75 -2.58
C LEU A 253 6.64 21.00 -3.60
N LEU A 254 6.96 21.68 -4.71
CA LEU A 254 5.97 21.89 -5.76
C LEU A 254 5.51 20.56 -6.37
N VAL A 255 6.45 19.61 -6.55
CA VAL A 255 6.08 18.32 -7.13
C VAL A 255 5.19 17.53 -6.18
N GLU A 256 5.48 17.59 -4.88
CA GLU A 256 4.56 17.03 -3.89
C GLU A 256 3.17 17.61 -4.05
N GLY A 257 3.08 18.93 -4.15
CA GLY A 257 1.78 19.57 -4.32
C GLY A 257 1.06 19.12 -5.58
N VAL A 258 1.80 19.06 -6.69
CA VAL A 258 1.18 18.72 -7.97
C VAL A 258 0.71 17.26 -7.98
N TYR A 259 1.51 16.36 -7.41
CA TYR A 259 1.10 14.96 -7.35
C TYR A 259 -0.14 14.78 -6.47
N LEU A 260 -0.17 15.46 -5.31
CA LEU A 260 -1.35 15.37 -4.46
C LEU A 260 -2.57 15.95 -5.17
N TYR A 261 -2.38 17.04 -5.92
CA TYR A 261 -3.50 17.62 -6.66
C TYR A 261 -3.99 16.66 -7.74
N THR A 262 -3.08 16.00 -8.45
CA THR A 262 -3.51 15.07 -9.49
C THR A 262 -4.23 13.87 -8.88
N LEU A 263 -3.84 13.45 -7.68
CA LEU A 263 -4.60 12.41 -7.00
C LEU A 263 -6.00 12.88 -6.66
N LEU A 264 -6.11 14.05 -6.02
CA LEU A 264 -7.43 14.53 -5.59
C LEU A 264 -8.27 15.07 -6.73
N ALA A 265 -7.68 15.37 -7.89
CA ALA A 265 -8.45 15.77 -9.05
C ALA A 265 -8.99 14.59 -9.84
N PHE A 266 -8.84 13.37 -9.30
CA PHE A 266 -9.38 12.17 -9.91
C PHE A 266 -8.88 12.00 -11.35
N SER A 267 -7.61 12.34 -11.56
CA SER A 267 -6.99 12.28 -12.88
C SER A 267 -6.19 10.98 -13.00
N VAL A 268 -6.30 10.34 -14.17
CA VAL A 268 -5.61 9.09 -14.44
C VAL A 268 -4.62 9.33 -15.58
N PHE A 269 -3.35 9.01 -15.33
CA PHE A 269 -2.28 9.13 -16.31
C PHE A 269 -1.33 7.95 -16.17
N SER A 270 -0.52 7.73 -17.21
CA SER A 270 0.46 6.67 -17.17
C SER A 270 1.50 6.96 -16.10
N GLU A 271 1.46 6.20 -15.01
CA GLU A 271 2.18 6.59 -13.79
C GLU A 271 3.69 6.60 -14.00
N GLN A 272 4.22 5.63 -14.76
CA GLN A 272 5.63 5.65 -15.09
C GLN A 272 5.99 6.92 -15.86
N TRP A 273 5.23 7.18 -16.93
CA TRP A 273 5.42 8.39 -17.74
C TRP A 273 5.11 9.66 -16.97
N ILE A 274 4.48 9.56 -15.81
CA ILE A 274 4.23 10.70 -14.94
C ILE A 274 5.22 10.77 -13.79
N PHE A 275 5.66 9.63 -13.26
CA PHE A 275 6.72 9.67 -12.25
C PHE A 275 8.02 10.21 -12.83
N ARG A 276 8.36 9.78 -14.06
CA ARG A 276 9.56 10.34 -14.68
C ARG A 276 9.40 11.83 -14.97
N LEU A 277 8.20 12.26 -15.37
CA LEU A 277 7.97 13.68 -15.59
C LEU A 277 8.11 14.48 -14.31
N TYR A 278 7.60 13.96 -13.19
CA TYR A 278 7.72 14.66 -11.92
C TYR A 278 9.17 14.69 -11.45
N VAL A 279 9.92 13.60 -11.66
CA VAL A 279 11.34 13.61 -11.32
C VAL A 279 12.07 14.67 -12.13
N SER A 280 11.78 14.75 -13.44
CA SER A 280 12.41 15.76 -14.28
C SER A 280 12.05 17.16 -13.81
N ILE A 281 10.78 17.40 -13.49
CA ILE A 281 10.37 18.72 -13.04
C ILE A 281 11.07 19.09 -11.73
N GLY A 282 11.17 18.14 -10.81
CA GLY A 282 11.77 18.43 -9.52
C GLY A 282 13.26 18.61 -9.54
N TRP A 283 13.96 17.96 -10.47
CA TRP A 283 15.42 18.04 -10.46
C TRP A 283 16.02 18.88 -11.59
N GLY A 284 15.55 18.74 -12.82
CA GLY A 284 16.24 19.36 -13.94
C GLY A 284 15.61 20.62 -14.47
N VAL A 285 14.47 21.03 -13.93
CA VAL A 285 13.86 22.31 -14.29
C VAL A 285 14.59 23.47 -13.61
N PRO A 286 15.07 23.34 -12.36
CA PRO A 286 15.95 24.38 -11.83
C PRO A 286 17.21 24.59 -12.67
N LEU A 287 17.67 23.57 -13.40
CA LEU A 287 18.80 23.77 -14.30
C LEU A 287 18.47 24.75 -15.41
N LEU A 288 17.20 24.89 -15.77
CA LEU A 288 16.83 25.81 -16.84
C LEU A 288 16.93 27.27 -16.44
N PHE A 289 16.96 27.58 -15.14
CA PHE A 289 17.15 28.96 -14.73
C PHE A 289 18.31 29.17 -13.76
N VAL A 290 19.08 28.15 -13.44
CA VAL A 290 20.26 28.30 -12.61
C VAL A 290 21.53 28.42 -13.44
N VAL A 291 21.68 27.63 -14.49
CA VAL A 291 22.86 27.76 -15.36
C VAL A 291 22.77 29.01 -16.23
N PRO A 292 21.60 29.50 -16.68
CA PRO A 292 21.62 30.82 -17.34
C PRO A 292 21.98 31.94 -16.38
N TRP A 293 21.50 31.88 -15.13
CA TRP A 293 21.95 32.84 -14.13
C TRP A 293 23.45 32.74 -13.90
N GLY A 294 23.96 31.51 -13.82
CA GLY A 294 25.39 31.35 -13.67
C GLY A 294 26.18 31.92 -14.83
N ILE A 295 25.67 31.75 -16.05
CA ILE A 295 26.39 32.26 -17.21
C ILE A 295 26.34 33.79 -17.24
N VAL A 296 25.19 34.38 -16.93
CA VAL A 296 25.12 35.85 -16.92
C VAL A 296 25.87 36.45 -15.74
N LYS A 297 26.14 35.69 -14.68
CA LYS A 297 26.99 36.16 -13.59
C LYS A 297 28.45 35.79 -13.78
N TYR A 298 28.77 34.94 -14.75
CA TYR A 298 30.14 34.67 -15.13
C TYR A 298 30.64 35.55 -16.25
N LEU A 299 29.73 36.04 -17.11
CA LEU A 299 30.15 36.87 -18.23
C LEU A 299 30.21 38.35 -17.87
N TYR A 300 29.36 38.81 -16.94
CA TYR A 300 29.30 40.22 -16.61
C TYR A 300 29.49 40.46 -15.11
N GLU A 301 30.45 39.75 -14.51
CA GLU A 301 30.83 40.01 -13.12
C GLU A 301 32.33 39.85 -13.02
N ASP A 302 33.01 40.86 -12.50
CA ASP A 302 34.44 40.83 -12.33
C ASP A 302 34.87 40.37 -10.94
N GLU A 303 34.26 40.93 -9.90
CA GLU A 303 34.66 40.66 -8.53
C GLU A 303 33.45 40.21 -7.71
N GLY A 304 33.73 39.53 -6.61
CA GLY A 304 32.72 39.12 -5.66
C GLY A 304 32.33 37.66 -5.80
N CYS A 305 31.69 37.13 -4.75
CA CYS A 305 31.19 35.77 -4.75
C CYS A 305 29.73 35.69 -5.20
N TRP A 306 29.46 36.29 -6.35
CA TRP A 306 28.18 36.15 -7.05
C TRP A 306 26.99 36.61 -6.19
N THR A 307 27.21 37.66 -5.40
CA THR A 307 26.09 38.34 -4.69
C THR A 307 25.37 39.28 -5.66
N ARG A 308 24.15 39.72 -5.31
CA ARG A 308 23.34 40.58 -6.22
C ARG A 308 24.15 41.79 -6.69
N ASN A 309 24.05 42.11 -7.99
CA ASN A 309 24.90 43.10 -8.64
C ASN A 309 24.59 44.49 -8.09
N SER A 310 25.45 45.46 -8.40
CA SER A 310 25.28 46.83 -7.93
C SER A 310 24.40 47.66 -8.86
N ASN A 311 24.44 47.39 -10.17
CA ASN A 311 23.72 48.20 -11.14
C ASN A 311 22.64 47.42 -11.89
N MET A 312 22.96 46.23 -12.40
CA MET A 312 22.03 45.48 -13.22
C MET A 312 21.15 44.58 -12.36
N ASN A 313 20.13 44.00 -12.98
CA ASN A 313 19.17 43.12 -12.31
C ASN A 313 19.31 41.70 -12.87
N TYR A 314 20.26 40.94 -12.31
CA TYR A 314 20.51 39.58 -12.73
C TYR A 314 19.97 38.55 -11.75
N TRP A 315 19.62 38.96 -10.53
CA TRP A 315 19.03 38.03 -9.56
C TRP A 315 17.65 37.55 -10.00
N LEU A 316 17.05 38.18 -11.00
CA LEU A 316 15.72 37.77 -11.44
C LEU A 316 15.71 36.34 -11.96
N ILE A 317 16.79 35.93 -12.63
CA ILE A 317 16.84 34.60 -13.22
C ILE A 317 16.66 33.52 -12.18
N ILE A 318 17.05 33.78 -10.93
CA ILE A 318 16.94 32.80 -9.85
C ILE A 318 15.65 32.98 -9.05
N ARG A 319 15.38 34.20 -8.59
CA ARG A 319 14.27 34.42 -7.67
C ARG A 319 12.91 34.34 -8.35
N LEU A 320 12.80 34.62 -9.65
CA LEU A 320 11.49 34.59 -10.30
C LEU A 320 10.89 33.18 -10.30
N PRO A 321 11.57 32.14 -10.80
CA PRO A 321 10.93 30.82 -10.81
C PRO A 321 10.69 30.26 -9.42
N ILE A 322 11.49 30.65 -8.42
CA ILE A 322 11.20 30.25 -7.05
C ILE A 322 9.85 30.80 -6.62
N LEU A 323 9.61 32.07 -6.92
CA LEU A 323 8.32 32.69 -6.60
C LEU A 323 7.19 32.02 -7.38
N PHE A 324 7.43 31.68 -8.64
CA PHE A 324 6.41 30.99 -9.44
C PHE A 324 6.04 29.65 -8.82
N ALA A 325 7.04 28.89 -8.39
CA ALA A 325 6.77 27.59 -7.75
C ALA A 325 6.00 27.77 -6.45
N ILE A 326 6.40 28.74 -5.63
CA ILE A 326 5.71 28.97 -4.36
C ILE A 326 4.26 29.37 -4.59
N GLY A 327 4.02 30.22 -5.59
CA GLY A 327 2.66 30.63 -5.88
C GLY A 327 1.78 29.48 -6.36
N VAL A 328 2.29 28.70 -7.32
CA VAL A 328 1.52 27.56 -7.80
C VAL A 328 1.23 26.59 -6.66
N ASN A 329 2.21 26.38 -5.78
CA ASN A 329 2.02 25.42 -4.70
C ASN A 329 1.05 25.96 -3.66
N PHE A 330 1.00 27.28 -3.45
CA PHE A 330 -0.02 27.85 -2.57
C PHE A 330 -1.41 27.69 -3.16
N LEU A 331 -1.55 27.85 -4.48
CA LEU A 331 -2.84 27.58 -5.10
C LEU A 331 -3.26 26.13 -4.93
N ILE A 332 -2.30 25.21 -5.06
CA ILE A 332 -2.59 23.79 -4.84
C ILE A 332 -3.01 23.54 -3.39
N PHE A 333 -2.33 24.19 -2.44
CA PHE A 333 -2.72 24.08 -1.03
C PHE A 333 -4.15 24.55 -0.82
N VAL A 334 -4.52 25.66 -1.46
CA VAL A 334 -5.88 26.18 -1.35
C VAL A 334 -6.89 25.16 -1.87
N ARG A 335 -6.61 24.59 -3.05
CA ARG A 335 -7.52 23.61 -3.62
C ARG A 335 -7.65 22.38 -2.73
N VAL A 336 -6.53 21.89 -2.19
CA VAL A 336 -6.57 20.68 -1.37
C VAL A 336 -7.34 20.91 -0.08
N ILE A 337 -7.13 22.06 0.57
CA ILE A 337 -7.91 22.31 1.78
C ILE A 337 -9.38 22.49 1.44
N CYS A 338 -9.70 23.03 0.26
CA CYS A 338 -11.11 23.13 -0.13
C CYS A 338 -11.72 21.73 -0.29
N ILE A 339 -10.98 20.81 -0.90
CA ILE A 339 -11.46 19.44 -1.03
C ILE A 339 -11.68 18.81 0.34
N VAL A 340 -10.73 19.04 1.26
CA VAL A 340 -10.85 18.46 2.60
C VAL A 340 -12.07 19.02 3.32
N VAL A 341 -12.31 20.32 3.21
CA VAL A 341 -13.48 20.88 3.88
C VAL A 341 -14.77 20.38 3.26
N SER A 342 -14.79 20.15 1.94
CA SER A 342 -15.97 19.56 1.32
C SER A 342 -16.23 18.17 1.86
N LYS A 343 -15.18 17.35 1.99
CA LYS A 343 -15.33 16.01 2.54
C LYS A 343 -15.82 16.07 3.99
N LEU A 344 -15.24 16.95 4.79
CA LEU A 344 -15.65 17.05 6.19
C LEU A 344 -17.09 17.51 6.33
N LYS A 345 -17.52 18.46 5.50
CA LYS A 345 -18.90 18.92 5.57
C LYS A 345 -19.87 17.87 5.03
N ALA A 346 -19.40 16.98 4.15
CA ALA A 346 -20.25 15.90 3.68
C ALA A 346 -20.67 14.99 4.82
N ASN A 347 -19.76 14.72 5.73
CA ASN A 347 -20.08 13.77 6.81
C ASN A 347 -21.05 14.46 7.75
N LEU A 348 -21.65 13.70 8.66
CA LEU A 348 -22.48 14.35 9.69
C LEU A 348 -21.47 14.60 10.81
N MET A 349 -20.92 15.81 10.89
CA MET A 349 -19.82 16.05 11.85
C MET A 349 -20.21 17.19 12.78
N CYS A 350 -19.71 17.18 14.01
CA CYS A 350 -20.13 18.19 15.00
C CYS A 350 -19.49 19.53 14.65
N LYS A 351 -19.98 20.62 15.24
CA LYS A 351 -19.47 21.95 14.83
C LYS A 351 -17.99 22.12 15.12
N THR A 352 -17.52 21.79 16.33
CA THR A 352 -16.13 22.12 16.73
C THR A 352 -15.17 20.94 16.53
N ASP A 353 -15.69 19.70 16.45
CA ASP A 353 -14.81 18.55 16.10
C ASP A 353 -14.32 18.85 14.69
N ILE A 354 -15.18 19.41 13.83
CA ILE A 354 -14.80 19.75 12.42
C ILE A 354 -13.47 20.52 12.43
N LYS A 355 -13.41 21.61 13.21
CA LYS A 355 -12.22 22.44 13.29
C LYS A 355 -11.04 21.69 13.90
N CYS A 356 -11.31 20.81 14.87
CA CYS A 356 -10.21 20.06 15.47
C CYS A 356 -9.52 19.16 14.46
N ARG A 357 -10.30 18.66 13.50
CA ARG A 357 -9.76 17.82 12.40
C ARG A 357 -9.32 18.71 11.23
N LEU A 358 -10.00 19.83 11.01
CA LEU A 358 -9.60 20.74 9.94
C LEU A 358 -8.26 21.39 10.25
N ALA A 359 -8.04 21.78 11.51
CA ALA A 359 -6.75 22.34 11.89
C ALA A 359 -5.64 21.30 11.76
N LYS A 360 -5.91 20.07 12.21
CA LYS A 360 -4.89 19.03 12.16
C LYS A 360 -4.50 18.70 10.71
N SER A 361 -5.49 18.64 9.82
CA SER A 361 -5.19 18.36 8.42
C SER A 361 -4.38 19.48 7.78
N THR A 362 -4.69 20.74 8.14
CA THR A 362 -3.96 21.86 7.57
C THR A 362 -2.55 21.96 8.15
N LEU A 363 -2.41 21.79 9.47
CA LEU A 363 -1.11 21.89 10.11
C LEU A 363 -0.13 20.88 9.54
N THR A 364 -0.55 19.63 9.36
CA THR A 364 0.33 18.63 8.80
C THR A 364 0.52 18.77 7.30
N LEU A 365 -0.21 19.68 6.65
CA LEU A 365 -0.07 19.90 5.21
C LEU A 365 0.91 21.03 4.90
N ILE A 366 1.19 21.90 5.85
CA ILE A 366 2.14 22.99 5.67
C ILE A 366 3.55 22.47 5.43
N PRO A 367 4.09 21.54 6.22
CA PRO A 367 5.44 21.04 5.95
C PRO A 367 5.59 20.36 4.60
N LEU A 368 4.55 19.67 4.12
CA LEU A 368 4.68 18.94 2.86
C LEU A 368 4.73 19.87 1.67
N LEU A 369 3.98 20.98 1.72
CA LEU A 369 3.95 21.93 0.61
C LEU A 369 4.83 23.15 0.85
N GLY A 370 5.16 23.47 2.09
CA GLY A 370 5.95 24.65 2.37
C GLY A 370 5.18 25.93 2.19
N THR A 371 4.06 26.06 2.90
CA THR A 371 3.20 27.23 2.77
C THR A 371 3.58 28.35 3.73
N HIS A 372 4.63 28.17 4.54
CA HIS A 372 5.22 29.30 5.27
C HIS A 372 6.10 30.15 4.38
N GLU A 373 6.49 29.62 3.22
CA GLU A 373 7.35 30.32 2.28
C GLU A 373 6.60 31.26 1.36
N VAL A 374 5.34 31.55 1.68
CA VAL A 374 4.64 32.68 1.06
C VAL A 374 4.70 33.84 2.05
N ILE A 375 4.57 33.54 3.34
CA ILE A 375 4.79 34.55 4.36
C ILE A 375 6.24 35.04 4.33
N PHE A 376 7.18 34.10 4.27
CA PHE A 376 8.58 34.48 4.23
C PHE A 376 8.94 35.16 2.91
N ALA A 377 8.23 34.86 1.84
CA ALA A 377 8.45 35.54 0.58
C ALA A 377 7.84 36.93 0.54
N PHE A 378 6.80 37.19 1.33
CA PHE A 378 6.25 38.53 1.43
C PHE A 378 7.03 39.42 2.39
N VAL A 379 7.54 38.86 3.48
CA VAL A 379 8.32 39.67 4.43
C VAL A 379 9.76 39.86 3.99
N MET A 380 10.13 39.43 2.79
CA MET A 380 11.49 39.62 2.29
C MET A 380 11.61 40.88 1.44
N ASP A 381 12.69 41.62 1.67
CA ASP A 381 13.06 42.77 0.85
C ASP A 381 13.96 42.28 -0.27
N GLU A 382 13.48 42.38 -1.51
CA GLU A 382 14.23 41.89 -2.66
C GLU A 382 15.30 42.86 -3.15
N HIS A 383 15.30 44.10 -2.68
CA HIS A 383 16.26 45.09 -3.12
C HIS A 383 17.34 45.40 -2.10
N ALA A 384 17.28 44.81 -0.92
CA ALA A 384 18.34 44.98 0.06
C ALA A 384 19.62 44.26 -0.38
N ARG A 385 20.75 44.78 0.07
CA ARG A 385 22.05 44.18 -0.20
C ARG A 385 22.86 44.11 1.09
N GLY A 386 23.79 43.16 1.11
CA GLY A 386 24.82 43.18 2.15
C GLY A 386 24.34 42.61 3.47
N THR A 387 24.68 43.31 4.55
CA THR A 387 24.37 42.82 5.89
C THR A 387 22.87 42.72 6.12
N LEU A 388 22.12 43.70 5.63
CA LEU A 388 20.67 43.66 5.77
C LEU A 388 20.09 42.41 5.11
N ARG A 389 20.53 42.13 3.89
CA ARG A 389 20.07 40.94 3.19
C ARG A 389 20.48 39.67 3.91
N PHE A 390 21.71 39.63 4.44
CA PHE A 390 22.16 38.45 5.18
C PHE A 390 21.28 38.20 6.39
N ILE A 391 20.95 39.25 7.14
CA ILE A 391 20.11 39.08 8.32
C ILE A 391 18.71 38.62 7.92
N LYS A 392 18.16 39.20 6.84
CA LYS A 392 16.83 38.81 6.41
C LYS A 392 16.78 37.36 5.96
N LEU A 393 17.79 36.90 5.20
CA LEU A 393 17.86 35.48 4.87
C LEU A 393 18.08 34.61 6.09
N PHE A 394 18.90 35.05 7.05
CA PHE A 394 19.25 34.18 8.15
C PHE A 394 18.10 33.99 9.13
N THR A 395 17.23 34.99 9.28
CA THR A 395 16.06 34.75 10.13
C THR A 395 15.12 33.72 9.53
N GLU A 396 14.88 33.82 8.22
CA GLU A 396 14.03 32.84 7.55
C GLU A 396 14.68 31.46 7.54
N LEU A 397 16.01 31.40 7.42
CA LEU A 397 16.71 30.12 7.55
C LEU A 397 16.58 29.56 8.97
N SER A 398 16.73 30.43 9.97
CA SER A 398 16.57 30.03 11.36
C SER A 398 15.20 29.45 11.64
N PHE A 399 14.18 29.92 10.92
CA PHE A 399 12.85 29.36 11.17
C PHE A 399 12.55 28.15 10.27
N THR A 400 12.99 28.16 9.01
CA THR A 400 12.69 27.11 8.07
C THR A 400 13.67 25.95 8.13
N SER A 401 14.63 25.99 9.06
CA SER A 401 15.55 24.85 9.21
C SER A 401 14.83 23.61 9.71
N PHE A 402 13.92 23.74 10.67
CA PHE A 402 13.23 22.60 11.24
C PHE A 402 12.18 21.99 10.33
N GLN A 403 12.06 22.48 9.09
CA GLN A 403 11.03 21.95 8.20
C GLN A 403 11.33 20.51 7.79
N GLY A 404 12.61 20.19 7.58
CA GLY A 404 12.96 18.80 7.32
C GLY A 404 12.62 17.89 8.49
N LEU A 405 12.91 18.34 9.71
CA LEU A 405 12.55 17.58 10.90
C LEU A 405 11.04 17.36 10.99
N MET A 406 10.25 18.42 10.76
CA MET A 406 8.80 18.26 10.83
C MET A 406 8.28 17.32 9.75
N VAL A 407 8.81 17.43 8.53
CA VAL A 407 8.37 16.53 7.46
C VAL A 407 8.69 15.09 7.82
N ALA A 408 9.91 14.84 8.30
CA ALA A 408 10.29 13.48 8.68
C ALA A 408 9.41 12.95 9.79
N ILE A 409 9.14 13.76 10.82
CA ILE A 409 8.32 13.30 11.94
C ILE A 409 6.91 13.00 11.47
N LEU A 410 6.30 13.91 10.70
CA LEU A 410 4.89 13.78 10.37
C LEU A 410 4.65 12.66 9.36
N TYR A 411 5.47 12.58 8.32
CA TYR A 411 5.18 11.65 7.24
C TYR A 411 5.92 10.33 7.32
N CYS A 412 6.84 10.16 8.26
CA CYS A 412 7.43 8.84 8.49
C CYS A 412 7.24 8.33 9.91
N PHE A 413 7.65 9.10 10.92
CA PHE A 413 7.77 8.53 12.27
C PHE A 413 6.42 8.30 12.93
N VAL A 414 5.47 9.23 12.76
CA VAL A 414 4.13 9.06 13.31
C VAL A 414 3.16 8.46 12.32
N ASN A 415 3.62 8.20 11.09
CA ASN A 415 2.80 7.51 10.11
C ASN A 415 2.36 6.16 10.67
N ASN A 416 1.03 5.98 10.74
CA ASN A 416 0.45 4.78 11.40
C ASN A 416 0.80 3.52 10.61
N GLU A 417 1.08 3.67 9.31
CA GLU A 417 1.61 2.56 8.51
C GLU A 417 3.01 2.17 8.97
N VAL A 418 3.87 3.16 9.20
CA VAL A 418 5.22 2.89 9.68
C VAL A 418 5.18 2.26 11.07
N GLN A 419 4.34 2.79 11.95
CA GLN A 419 4.23 2.23 13.29
C GLN A 419 3.77 0.78 13.25
N LEU A 420 2.78 0.47 12.43
CA LEU A 420 2.30 -0.90 12.36
C LEU A 420 3.33 -1.82 11.71
N GLU A 421 4.13 -1.30 10.76
CA GLU A 421 5.23 -2.10 10.24
C GLU A 421 6.26 -2.41 11.33
N PHE A 422 6.54 -1.43 12.19
CA PHE A 422 7.40 -1.68 13.35
C PHE A 422 6.84 -2.80 14.22
N ARG A 423 5.55 -2.71 14.54
CA ARG A 423 4.93 -3.75 15.36
C ARG A 423 5.03 -5.11 14.68
N LYS A 424 4.79 -5.15 13.36
CA LYS A 424 4.84 -6.41 12.63
C LYS A 424 6.23 -7.02 12.69
N SER A 425 7.27 -6.22 12.44
CA SER A 425 8.62 -6.76 12.45
C SER A 425 9.14 -7.05 13.85
N TRP A 426 8.52 -6.53 14.91
CA TRP A 426 8.89 -6.93 16.24
C TRP A 426 7.99 -8.00 16.85
N GLU A 427 6.91 -8.39 16.18
CA GLU A 427 6.21 -9.60 16.60
C GLU A 427 6.77 -10.85 15.94
N ARG A 428 7.56 -10.70 14.87
CA ARG A 428 8.15 -11.87 14.23
C ARG A 428 9.29 -12.44 15.06
N TRP A 429 9.93 -11.63 15.91
CA TRP A 429 10.84 -12.18 16.90
C TRP A 429 10.10 -12.83 18.05
N ARG A 430 8.83 -12.46 18.27
CA ARG A 430 8.04 -13.15 19.28
C ARG A 430 7.56 -14.51 18.79
N LEU A 431 7.54 -14.74 17.48
CA LEU A 431 7.38 -16.10 16.97
C LEU A 431 8.57 -16.96 17.35
N GLU A 432 9.78 -16.48 17.07
CA GLU A 432 11.00 -17.22 17.36
C GLU A 432 11.20 -17.43 18.86
N ASP B 11 23.17 -24.89 -25.88
CA ASP B 11 22.01 -25.71 -25.43
C ASP B 11 21.57 -25.30 -24.02
N GLN B 12 22.23 -25.80 -22.96
CA GLN B 12 21.83 -25.48 -21.57
C GLN B 12 22.01 -23.97 -21.36
N ARG B 13 23.04 -23.39 -21.96
CA ARG B 13 23.19 -21.91 -22.01
C ARG B 13 21.95 -21.34 -22.71
N ASN B 14 21.62 -21.90 -23.88
CA ASN B 14 20.46 -21.44 -24.62
C ASN B 14 19.17 -21.68 -23.85
N GLU B 15 19.15 -22.67 -22.96
CA GLU B 15 17.97 -22.94 -22.15
C GLU B 15 17.61 -21.74 -21.29
N GLU B 16 18.58 -21.22 -20.54
CA GLU B 16 18.34 -20.00 -19.78
C GLU B 16 18.10 -18.82 -20.71
N LYS B 17 18.73 -18.82 -21.89
CA LYS B 17 18.44 -17.80 -22.87
C LYS B 17 17.06 -18.01 -23.51
N ALA B 18 16.57 -19.25 -23.55
CA ALA B 18 15.20 -19.49 -23.97
C ALA B 18 14.21 -19.10 -22.87
N GLN B 19 14.52 -19.44 -21.62
CA GLN B 19 13.61 -19.10 -20.52
C GLN B 19 13.57 -17.60 -20.29
N ARG B 20 14.74 -16.95 -20.20
CA ARG B 20 14.77 -15.51 -19.94
C ARG B 20 14.12 -14.73 -21.07
N GLU B 21 14.15 -15.25 -22.29
CA GLU B 21 13.38 -14.65 -23.37
C GLU B 21 11.90 -15.00 -23.25
N ALA B 22 11.60 -16.24 -22.86
CA ALA B 22 10.23 -16.60 -22.53
C ALA B 22 9.75 -15.82 -21.32
N ASN B 23 10.62 -15.64 -20.33
CA ASN B 23 10.28 -14.86 -19.16
C ASN B 23 10.03 -13.40 -19.53
N LYS B 24 10.90 -12.82 -20.35
CA LYS B 24 10.78 -11.40 -20.70
C LYS B 24 9.49 -11.12 -21.46
N LYS B 25 8.97 -12.11 -22.19
CA LYS B 25 7.66 -11.95 -22.79
C LYS B 25 6.55 -12.02 -21.75
N ILE B 26 6.72 -12.87 -20.73
CA ILE B 26 5.71 -13.01 -19.70
C ILE B 26 5.61 -11.74 -18.86
N GLU B 27 6.76 -11.20 -18.44
CA GLU B 27 6.74 -10.07 -17.51
C GLU B 27 6.41 -8.74 -18.19
N LYS B 28 6.62 -8.62 -19.50
CA LYS B 28 6.26 -7.34 -20.15
C LYS B 28 4.74 -7.27 -20.22
N GLN B 29 4.09 -8.34 -20.70
CA GLN B 29 2.63 -8.28 -20.83
C GLN B 29 1.96 -8.09 -19.48
N LEU B 30 2.53 -8.65 -18.41
CA LEU B 30 1.98 -8.43 -17.08
C LEU B 30 2.07 -6.97 -16.66
N GLN B 31 2.98 -6.20 -17.27
CA GLN B 31 3.01 -4.76 -17.03
C GLN B 31 1.85 -4.06 -17.71
N LYS B 32 1.58 -4.40 -18.97
CA LYS B 32 0.44 -3.81 -19.68
C LYS B 32 -0.87 -4.14 -18.99
N ASP B 33 -1.01 -5.36 -18.47
CA ASP B 33 -2.21 -5.70 -17.71
C ASP B 33 -2.26 -5.02 -16.35
N LYS B 34 -1.15 -4.46 -15.89
CA LYS B 34 -1.14 -3.67 -14.66
C LYS B 34 -1.53 -2.22 -14.89
N GLN B 35 -1.56 -1.76 -16.14
CA GLN B 35 -2.03 -0.44 -16.47
C GLN B 35 -3.51 -0.43 -16.84
N VAL B 36 -4.19 -1.57 -16.66
CA VAL B 36 -5.63 -1.67 -16.87
C VAL B 36 -6.36 -2.03 -15.58
N TYR B 37 -5.79 -2.95 -14.78
CA TYR B 37 -6.39 -3.31 -13.52
C TYR B 37 -6.40 -2.16 -12.53
N ARG B 38 -5.47 -1.22 -12.65
CA ARG B 38 -5.42 -0.08 -11.74
C ARG B 38 -6.35 1.06 -12.15
N ALA B 39 -6.56 1.25 -13.45
CA ALA B 39 -7.45 2.28 -13.95
C ALA B 39 -8.88 1.80 -14.11
N THR B 40 -9.20 0.61 -13.59
CA THR B 40 -10.55 0.05 -13.67
C THR B 40 -11.18 0.02 -12.29
N HIS B 41 -12.44 0.47 -12.23
CA HIS B 41 -13.22 0.46 -10.99
C HIS B 41 -14.20 -0.69 -11.07
N ARG B 42 -14.08 -1.64 -10.14
CA ARG B 42 -14.90 -2.83 -10.11
C ARG B 42 -16.05 -2.65 -9.13
N LEU B 43 -17.27 -2.94 -9.58
CA LEU B 43 -18.47 -2.73 -8.80
C LEU B 43 -19.26 -4.03 -8.68
N LEU B 44 -19.76 -4.29 -7.48
CA LEU B 44 -20.59 -5.47 -7.21
C LEU B 44 -22.02 -5.03 -6.92
N LEU B 45 -22.98 -5.66 -7.59
CA LEU B 45 -24.39 -5.35 -7.40
C LEU B 45 -25.02 -6.39 -6.50
N LEU B 46 -25.54 -5.95 -5.35
CA LEU B 46 -26.22 -6.82 -4.39
C LEU B 46 -27.63 -6.30 -4.20
N GLY B 47 -28.61 -7.08 -4.67
CA GLY B 47 -30.01 -6.70 -4.53
C GLY B 47 -30.90 -7.89 -4.77
N ALA B 48 -32.16 -7.73 -4.35
CA ALA B 48 -33.14 -8.79 -4.54
C ALA B 48 -33.51 -8.90 -6.02
N GLY B 49 -34.17 -10.01 -6.36
CA GLY B 49 -34.60 -10.21 -7.74
C GLY B 49 -35.64 -9.20 -8.18
N GLU B 50 -36.62 -8.94 -7.33
CA GLU B 50 -37.69 -7.98 -7.63
C GLU B 50 -37.36 -6.63 -6.97
N SER B 51 -36.25 -6.04 -7.46
CA SER B 51 -35.79 -4.76 -6.94
C SER B 51 -35.43 -3.77 -8.04
N GLY B 52 -35.60 -4.14 -9.31
CA GLY B 52 -35.19 -3.29 -10.40
C GLY B 52 -33.72 -3.35 -10.75
N LYS B 53 -32.96 -4.22 -10.08
CA LYS B 53 -31.52 -4.32 -10.34
C LYS B 53 -31.25 -4.71 -11.79
N ASN B 54 -32.04 -5.64 -12.33
CA ASN B 54 -31.85 -6.05 -13.72
C ASN B 54 -32.19 -4.90 -14.67
N THR B 55 -33.24 -4.13 -14.36
CA THR B 55 -33.55 -2.97 -15.19
C THR B 55 -32.44 -1.93 -15.14
N ILE B 56 -31.79 -1.77 -13.98
CA ILE B 56 -30.67 -0.85 -13.88
C ILE B 56 -29.49 -1.34 -14.72
N VAL B 57 -29.20 -2.65 -14.65
CA VAL B 57 -28.12 -3.21 -15.46
C VAL B 57 -28.38 -2.99 -16.94
N LYS B 58 -29.65 -3.16 -17.36
CA LYS B 58 -29.98 -2.99 -18.78
C LYS B 58 -29.65 -1.59 -19.27
N GLN B 59 -29.95 -0.57 -18.45
CA GLN B 59 -29.67 0.80 -18.87
C GLN B 59 -28.18 1.10 -18.91
N MET B 60 -27.41 0.57 -17.95
CA MET B 60 -25.98 0.85 -17.93
C MET B 60 -25.24 0.16 -19.06
N ARG B 61 -25.78 -0.95 -19.59
CA ARG B 61 -25.06 -1.69 -20.61
C ARG B 61 -25.36 -1.20 -22.02
N ILE B 62 -26.65 -1.06 -22.37
CA ILE B 62 -27.02 -0.67 -23.72
C ILE B 62 -26.53 0.75 -24.02
N LEU B 63 -26.41 1.60 -23.01
CA LEU B 63 -25.90 2.95 -23.21
C LEU B 63 -24.43 2.94 -23.63
N HIS B 64 -23.71 1.85 -23.36
CA HIS B 64 -22.30 1.74 -23.73
C HIS B 64 -22.02 0.44 -24.45
N SER B 205 -23.24 -19.91 -15.42
CA SER B 205 -24.30 -18.91 -15.27
C SER B 205 -24.34 -18.36 -13.85
N GLY B 206 -23.24 -18.51 -13.13
CA GLY B 206 -23.15 -18.03 -11.76
C GLY B 206 -22.63 -16.62 -11.65
N ILE B 207 -21.98 -16.13 -12.72
CA ILE B 207 -21.40 -14.79 -12.74
C ILE B 207 -21.91 -14.06 -13.97
N PHE B 208 -22.11 -12.75 -13.84
CA PHE B 208 -22.54 -11.90 -14.94
C PHE B 208 -21.73 -10.62 -14.91
N GLU B 209 -21.19 -10.22 -16.05
CA GLU B 209 -20.31 -9.07 -16.15
C GLU B 209 -20.88 -8.05 -17.13
N THR B 210 -20.26 -6.87 -17.12
CA THR B 210 -20.56 -5.79 -18.06
C THR B 210 -19.48 -4.74 -17.90
N LYS B 211 -19.33 -3.90 -18.92
CA LYS B 211 -18.26 -2.91 -18.96
C LYS B 211 -18.80 -1.63 -19.58
N PHE B 212 -18.68 -0.52 -18.85
CA PHE B 212 -19.08 0.78 -19.34
C PHE B 212 -18.06 1.82 -18.91
N GLN B 213 -17.75 2.76 -19.81
CA GLN B 213 -16.80 3.82 -19.55
C GLN B 213 -17.54 5.14 -19.37
N VAL B 214 -17.26 5.83 -18.28
CA VAL B 214 -17.87 7.12 -17.98
C VAL B 214 -16.75 8.16 -17.94
N ASP B 215 -16.74 9.06 -18.91
CA ASP B 215 -15.74 10.12 -19.02
C ASP B 215 -14.33 9.54 -18.94
N LYS B 216 -14.06 8.59 -19.82
CA LYS B 216 -12.78 7.92 -19.96
C LYS B 216 -12.36 7.14 -18.72
N VAL B 217 -13.28 6.89 -17.80
CA VAL B 217 -13.01 6.10 -16.60
C VAL B 217 -13.65 4.73 -16.77
N ASN B 218 -12.84 3.68 -16.62
CA ASN B 218 -13.33 2.32 -16.83
C ASN B 218 -14.09 1.82 -15.62
N PHE B 219 -15.22 1.17 -15.86
CA PHE B 219 -16.03 0.53 -14.84
C PHE B 219 -16.30 -0.91 -15.25
N HIS B 220 -16.20 -1.82 -14.28
CA HIS B 220 -16.43 -3.24 -14.51
C HIS B 220 -17.40 -3.73 -13.44
N MET B 221 -18.61 -4.06 -13.84
CA MET B 221 -19.70 -4.35 -12.92
C MET B 221 -20.04 -5.83 -12.96
N PHE B 222 -20.12 -6.45 -11.79
CA PHE B 222 -20.37 -7.88 -11.66
C PHE B 222 -21.67 -8.12 -10.90
N ASP B 223 -22.54 -8.94 -11.48
CA ASP B 223 -23.79 -9.34 -10.85
C ASP B 223 -23.75 -10.84 -10.60
N VAL B 224 -24.04 -11.25 -9.38
CA VAL B 224 -23.95 -12.64 -8.95
C VAL B 224 -25.35 -13.11 -8.58
N GLY B 225 -25.98 -13.86 -9.47
CA GLY B 225 -27.23 -14.52 -9.14
C GLY B 225 -26.98 -15.68 -8.21
N ALA B 226 -27.48 -15.58 -6.97
CA ALA B 226 -27.21 -16.58 -5.94
C ALA B 226 -28.52 -17.16 -5.43
N GLN B 227 -28.59 -18.49 -5.38
CA GLN B 227 -29.75 -19.17 -4.83
C GLN B 227 -29.62 -19.43 -3.34
N ARG B 228 -28.41 -19.67 -2.85
CA ARG B 228 -28.21 -19.93 -1.43
C ARG B 228 -28.35 -18.65 -0.62
N ASP B 229 -28.96 -18.78 0.56
CA ASP B 229 -29.10 -17.63 1.45
C ASP B 229 -27.76 -17.15 1.97
N GLU B 230 -26.75 -18.02 1.99
CA GLU B 230 -25.43 -17.68 2.52
C GLU B 230 -24.57 -17.12 1.39
N ARG B 231 -24.52 -15.79 1.32
CA ARG B 231 -23.64 -15.12 0.36
C ARG B 231 -22.17 -15.37 0.66
N ARG B 232 -21.85 -15.88 1.84
CA ARG B 232 -20.47 -16.14 2.23
C ARG B 232 -19.79 -17.09 1.27
N LYS B 233 -18.46 -17.15 1.38
CA LYS B 233 -17.59 -18.07 0.64
C LYS B 233 -17.50 -17.68 -0.84
N TRP B 234 -18.26 -16.67 -1.24
CA TRP B 234 -18.03 -15.99 -2.51
C TRP B 234 -18.06 -14.49 -2.36
N ILE B 235 -18.44 -13.97 -1.19
CA ILE B 235 -18.38 -12.54 -0.93
C ILE B 235 -16.97 -12.11 -0.54
N GLN B 236 -16.11 -13.05 -0.15
CA GLN B 236 -14.73 -12.71 0.16
C GLN B 236 -13.97 -12.22 -1.06
N CYS B 237 -14.35 -12.70 -2.24
CA CYS B 237 -13.67 -12.36 -3.49
C CYS B 237 -13.86 -10.91 -3.90
N PHE B 238 -14.60 -10.11 -3.15
CA PHE B 238 -14.91 -8.74 -3.53
C PHE B 238 -14.44 -7.74 -2.46
N ASN B 239 -13.35 -8.06 -1.77
CA ASN B 239 -12.78 -7.11 -0.82
C ASN B 239 -12.05 -5.97 -1.51
N ASP B 240 -11.66 -6.14 -2.76
CA ASP B 240 -10.88 -5.14 -3.50
C ASP B 240 -11.71 -4.34 -4.49
N VAL B 241 -13.03 -4.53 -4.51
CA VAL B 241 -13.87 -3.73 -5.39
C VAL B 241 -13.94 -2.30 -4.85
N THR B 242 -14.12 -1.34 -5.76
CA THR B 242 -14.13 0.05 -5.35
C THR B 242 -15.41 0.44 -4.62
N ALA B 243 -16.52 -0.24 -4.90
CA ALA B 243 -17.80 0.07 -4.28
C ALA B 243 -18.77 -1.06 -4.55
N ILE B 244 -19.75 -1.20 -3.65
CA ILE B 244 -20.86 -2.14 -3.81
C ILE B 244 -22.11 -1.33 -4.04
N ILE B 245 -22.81 -1.60 -5.13
CA ILE B 245 -24.05 -0.89 -5.45
C ILE B 245 -25.20 -1.75 -4.93
N PHE B 246 -25.81 -1.32 -3.83
CA PHE B 246 -26.90 -2.04 -3.20
C PHE B 246 -28.22 -1.44 -3.66
N VAL B 247 -29.04 -2.25 -4.31
CA VAL B 247 -30.31 -1.79 -4.88
C VAL B 247 -31.45 -2.29 -4.01
N VAL B 248 -32.37 -1.39 -3.67
CA VAL B 248 -33.54 -1.71 -2.86
C VAL B 248 -34.77 -1.15 -3.54
N ALA B 249 -35.83 -1.95 -3.59
CA ALA B 249 -37.13 -1.49 -4.09
C ALA B 249 -37.87 -0.84 -2.94
N SER B 250 -37.92 0.50 -2.94
CA SER B 250 -38.51 1.22 -1.82
C SER B 250 -40.02 1.01 -1.76
N SER B 251 -40.67 0.93 -2.92
CA SER B 251 -42.12 0.70 -2.95
C SER B 251 -42.50 -0.70 -2.47
N SER B 252 -41.54 -1.62 -2.41
CA SER B 252 -41.84 -3.00 -2.08
C SER B 252 -42.26 -3.20 -0.63
N TYR B 253 -42.40 -2.13 0.16
CA TYR B 253 -43.01 -2.25 1.47
C TYR B 253 -44.43 -2.75 1.30
N ASN B 254 -44.89 -3.54 2.28
CA ASN B 254 -46.19 -4.23 2.39
C ASN B 254 -46.28 -5.43 1.46
N MET B 255 -45.20 -5.77 0.76
CA MET B 255 -45.16 -6.91 -0.12
C MET B 255 -44.29 -8.01 0.47
N VAL B 256 -44.69 -9.27 0.27
CA VAL B 256 -43.95 -10.44 0.82
C VAL B 256 -43.25 -11.20 -0.32
N ILE B 257 -42.20 -11.96 0.01
CA ILE B 257 -41.25 -12.51 -0.99
C ILE B 257 -41.79 -13.84 -1.53
N ARG B 258 -42.72 -13.79 -2.49
CA ARG B 258 -43.31 -15.02 -3.08
C ARG B 258 -44.01 -15.83 -1.99
N GLU B 259 -44.57 -15.15 -0.97
CA GLU B 259 -45.28 -15.84 0.14
C GLU B 259 -44.28 -16.71 0.90
N ASP B 260 -42.99 -16.42 0.79
CA ASP B 260 -41.99 -17.30 1.45
C ASP B 260 -41.76 -16.72 2.85
N ASN B 261 -42.31 -17.38 3.87
CA ASN B 261 -42.20 -16.86 5.27
C ASN B 261 -42.94 -15.53 5.35
N GLN B 262 -43.89 -15.28 4.44
CA GLN B 262 -44.59 -13.97 4.40
C GLN B 262 -43.61 -12.86 4.79
N THR B 263 -42.38 -12.92 4.27
CA THR B 263 -41.29 -12.01 4.69
C THR B 263 -41.46 -10.68 3.98
N ASN B 264 -41.46 -9.56 4.72
CA ASN B 264 -41.52 -8.31 3.99
C ASN B 264 -40.26 -8.12 3.16
N ARG B 265 -40.45 -7.69 1.91
CA ARG B 265 -39.31 -7.49 1.01
C ARG B 265 -38.43 -6.33 1.46
N LEU B 266 -39.02 -5.32 2.10
CA LEU B 266 -38.23 -4.21 2.61
C LEU B 266 -37.39 -4.64 3.81
N GLN B 267 -37.99 -5.38 4.74
CA GLN B 267 -37.24 -5.90 5.87
C GLN B 267 -36.19 -6.90 5.44
N ALA B 268 -36.46 -7.66 4.37
CA ALA B 268 -35.46 -8.55 3.82
C ALA B 268 -34.26 -7.78 3.27
N ALA B 269 -34.53 -6.66 2.59
CA ALA B 269 -33.45 -5.83 2.10
C ALA B 269 -32.64 -5.23 3.24
N LEU B 270 -33.32 -4.81 4.32
CA LEU B 270 -32.61 -4.30 5.49
C LEU B 270 -31.77 -5.40 6.14
N LYS B 271 -32.30 -6.63 6.18
CA LYS B 271 -31.53 -7.74 6.73
C LYS B 271 -30.32 -8.05 5.86
N LEU B 272 -30.48 -8.00 4.53
CA LEU B 272 -29.36 -8.24 3.64
C LEU B 272 -28.32 -7.12 3.75
N PHE B 273 -28.78 -5.87 3.83
CA PHE B 273 -27.86 -4.74 3.92
C PHE B 273 -27.03 -4.81 5.20
N ASP B 274 -27.66 -5.19 6.31
CA ASP B 274 -26.94 -5.24 7.58
C ASP B 274 -25.84 -6.28 7.55
N SER B 275 -26.09 -7.43 6.92
CA SER B 275 -25.08 -8.48 6.87
C SER B 275 -23.90 -8.07 5.99
N ILE B 276 -24.17 -7.41 4.87
CA ILE B 276 -23.08 -6.95 4.01
C ILE B 276 -22.34 -5.77 4.62
N TRP B 277 -23.06 -4.89 5.32
CA TRP B 277 -22.41 -3.75 5.94
C TRP B 277 -21.60 -4.14 7.16
N ASN B 278 -21.86 -5.30 7.76
CA ASN B 278 -21.14 -5.78 8.93
C ASN B 278 -20.36 -7.06 8.63
N ASN B 279 -19.72 -7.11 7.47
CA ASN B 279 -18.92 -8.25 7.04
C ASN B 279 -17.44 -7.93 7.23
N LYS B 280 -16.70 -8.91 7.79
CA LYS B 280 -15.30 -8.68 8.09
C LYS B 280 -14.46 -8.50 6.84
N TRP B 281 -14.83 -9.15 5.73
CA TRP B 281 -14.04 -9.06 4.51
C TRP B 281 -14.28 -7.79 3.72
N LEU B 282 -15.42 -7.13 3.98
CA LEU B 282 -15.78 -5.87 3.27
C LEU B 282 -15.85 -4.71 4.26
N ARG B 283 -14.80 -4.52 5.07
CA ARG B 283 -14.81 -3.45 6.10
C ARG B 283 -14.24 -2.15 5.53
N ASP B 284 -13.75 -2.17 4.28
CA ASP B 284 -13.13 -0.96 3.69
C ASP B 284 -13.82 -0.62 2.36
N THR B 285 -14.72 -1.49 1.92
CA THR B 285 -15.51 -1.27 0.72
C THR B 285 -16.75 -0.45 1.06
N SER B 286 -17.00 0.60 0.28
CA SER B 286 -18.16 1.45 0.47
C SER B 286 -19.36 0.89 -0.30
N VAL B 287 -20.55 1.32 0.12
CA VAL B 287 -21.81 0.82 -0.43
C VAL B 287 -22.58 1.99 -1.00
N ILE B 288 -22.89 1.94 -2.29
CA ILE B 288 -23.73 2.93 -2.95
C ILE B 288 -25.16 2.40 -2.94
N LEU B 289 -25.97 2.93 -2.04
CA LEU B 289 -27.34 2.45 -1.85
C LEU B 289 -28.27 3.13 -2.84
N PHE B 290 -29.07 2.33 -3.54
CA PHE B 290 -30.08 2.84 -4.47
C PHE B 290 -31.46 2.47 -3.95
N LEU B 291 -32.23 3.49 -3.58
CA LEU B 291 -33.65 3.31 -3.26
C LEU B 291 -34.42 3.49 -4.56
N ASN B 292 -34.71 2.37 -5.22
CA ASN B 292 -35.00 2.39 -6.65
C ASN B 292 -36.44 2.80 -6.96
N LYS B 293 -37.41 2.01 -6.51
CA LYS B 293 -38.80 2.18 -6.97
C LYS B 293 -39.46 3.37 -6.29
N GLN B 294 -38.93 4.56 -6.60
CA GLN B 294 -39.45 5.79 -6.00
C GLN B 294 -40.80 6.16 -6.59
N ASP B 295 -40.93 6.10 -7.92
CA ASP B 295 -42.19 6.49 -8.55
C ASP B 295 -43.33 5.55 -8.15
N LEU B 296 -43.04 4.26 -8.00
CA LEU B 296 -44.04 3.35 -7.45
C LEU B 296 -44.31 3.64 -5.97
N LEU B 297 -43.31 4.10 -5.23
CA LEU B 297 -43.53 4.43 -3.83
C LEU B 297 -44.50 5.59 -3.67
N ALA B 298 -44.39 6.59 -4.55
CA ALA B 298 -45.29 7.75 -4.46
C ALA B 298 -46.73 7.34 -4.69
N GLU B 299 -46.97 6.38 -5.58
CA GLU B 299 -48.34 5.97 -5.87
C GLU B 299 -49.03 5.39 -4.64
N LYS B 300 -48.33 4.56 -3.88
CA LYS B 300 -49.00 3.90 -2.75
C LYS B 300 -49.14 4.91 -1.60
N VAL B 301 -48.14 5.76 -1.42
CA VAL B 301 -48.14 6.70 -0.25
C VAL B 301 -49.35 7.62 -0.34
N LEU B 302 -49.68 8.09 -1.53
CA LEU B 302 -50.78 9.07 -1.63
C LEU B 302 -52.09 8.29 -1.53
N ALA B 303 -52.38 7.72 -0.36
CA ALA B 303 -53.67 7.00 -0.13
C ALA B 303 -53.92 5.99 -1.24
N GLY B 304 -53.06 5.00 -1.35
CA GLY B 304 -53.37 3.77 -2.10
C GLY B 304 -53.58 2.60 -1.15
N LYS B 305 -54.84 2.20 -0.96
CA LYS B 305 -55.18 1.06 -0.05
C LYS B 305 -54.93 1.48 1.39
N SER B 306 -54.73 2.78 1.64
CA SER B 306 -54.49 3.29 3.02
C SER B 306 -53.31 2.53 3.64
N LYS B 307 -52.36 2.12 2.80
CA LYS B 307 -51.06 1.63 3.30
C LYS B 307 -50.30 2.86 3.76
N ILE B 308 -50.40 3.19 5.05
CA ILE B 308 -49.80 4.43 5.58
C ILE B 308 -48.39 4.07 6.04
N GLU B 309 -47.90 2.91 5.62
CA GLU B 309 -46.60 2.41 6.11
C GLU B 309 -46.86 1.83 7.49
N ASP B 310 -48.13 1.65 7.84
CA ASP B 310 -48.48 0.99 9.12
C ASP B 310 -47.77 -0.36 9.17
N TYR B 311 -47.24 -0.82 8.02
CA TYR B 311 -46.32 -1.99 8.05
C TYR B 311 -45.10 -1.62 8.88
N PHE B 312 -44.63 -0.38 8.78
CA PHE B 312 -43.52 0.07 9.65
C PHE B 312 -44.12 0.95 10.75
N PRO B 313 -44.23 0.44 12.00
CA PRO B 313 -44.91 1.20 13.06
C PRO B 313 -44.27 2.52 13.47
N GLU B 314 -42.97 2.58 13.61
CA GLU B 314 -42.28 3.82 14.03
C GLU B 314 -42.56 4.93 13.04
N PHE B 315 -43.20 4.63 11.89
CA PHE B 315 -43.44 5.69 10.92
C PHE B 315 -44.39 6.74 11.46
N ALA B 316 -45.33 6.34 12.32
CA ALA B 316 -46.23 7.31 12.93
C ALA B 316 -45.49 8.28 13.84
N ARG B 317 -44.31 7.90 14.33
CA ARG B 317 -43.47 8.77 15.13
C ARG B 317 -42.40 9.48 14.30
N TYR B 318 -42.63 9.63 13.00
CA TYR B 318 -41.64 10.21 12.10
C TYR B 318 -42.06 11.61 11.67
N THR B 319 -41.10 12.53 11.68
CA THR B 319 -41.26 13.84 11.07
C THR B 319 -40.06 14.08 10.16
N THR B 320 -40.32 14.69 9.01
CA THR B 320 -39.26 14.89 8.02
C THR B 320 -38.21 15.85 8.56
N PRO B 321 -36.93 15.52 8.49
CA PRO B 321 -35.89 16.45 8.96
C PRO B 321 -35.81 17.69 8.08
N GLU B 322 -35.31 18.77 8.67
CA GLU B 322 -35.25 20.04 7.95
C GLU B 322 -34.19 20.03 6.86
N ASP B 323 -33.14 19.24 7.02
CA ASP B 323 -32.11 19.15 5.99
C ASP B 323 -32.56 18.36 4.76
N ALA B 324 -33.70 17.67 4.86
CA ALA B 324 -34.23 16.94 3.70
C ALA B 324 -34.55 17.92 2.57
N THR B 325 -34.11 17.58 1.36
CA THR B 325 -34.30 18.44 0.21
C THR B 325 -35.46 17.92 -0.63
N PRO B 326 -36.62 18.56 -0.61
CA PRO B 326 -37.76 18.10 -1.42
C PRO B 326 -37.69 18.68 -2.83
N GLU B 327 -37.74 17.79 -3.82
CA GLU B 327 -37.78 18.23 -5.20
C GLU B 327 -39.13 18.89 -5.51
N PRO B 328 -39.14 19.92 -6.35
CA PRO B 328 -40.42 20.51 -6.76
C PRO B 328 -41.27 19.50 -7.52
N GLY B 329 -42.59 19.61 -7.35
CA GLY B 329 -43.51 18.63 -7.87
C GLY B 329 -43.72 17.43 -6.98
N GLU B 330 -43.28 17.49 -5.73
CA GLU B 330 -43.38 16.38 -4.79
C GLU B 330 -44.27 16.78 -3.62
N ASP B 331 -45.25 15.94 -3.32
CA ASP B 331 -46.15 16.23 -2.21
C ASP B 331 -45.42 16.09 -0.88
N PRO B 332 -45.84 16.84 0.15
CA PRO B 332 -45.23 16.68 1.48
C PRO B 332 -45.44 15.30 2.07
N ARG B 333 -46.50 14.59 1.68
CA ARG B 333 -46.73 13.25 2.21
C ARG B 333 -45.74 12.25 1.65
N VAL B 334 -45.36 12.41 0.38
CA VAL B 334 -44.33 11.55 -0.21
C VAL B 334 -43.00 11.72 0.51
N THR B 335 -42.64 12.98 0.81
CA THR B 335 -41.37 13.24 1.49
C THR B 335 -41.32 12.57 2.85
N ARG B 336 -42.45 12.53 3.55
CA ARG B 336 -42.48 11.85 4.84
C ARG B 336 -42.18 10.36 4.71
N ALA B 337 -42.57 9.76 3.57
CA ALA B 337 -42.30 8.35 3.36
C ALA B 337 -40.87 8.09 2.89
N LYS B 338 -40.40 8.88 1.91
CA LYS B 338 -39.08 8.65 1.33
C LYS B 338 -37.98 8.72 2.38
N TYR B 339 -37.94 9.82 3.13
CA TYR B 339 -36.87 10.02 4.09
C TYR B 339 -37.00 9.12 5.31
N PHE B 340 -38.18 8.55 5.55
CA PHE B 340 -38.30 7.52 6.56
C PHE B 340 -37.59 6.24 6.12
N ILE B 341 -37.80 5.84 4.86
CA ILE B 341 -37.20 4.63 4.35
C ILE B 341 -35.68 4.78 4.25
N ARG B 342 -35.21 5.94 3.80
CA ARG B 342 -33.77 6.16 3.69
C ARG B 342 -33.11 6.16 5.07
N ASP B 343 -33.71 6.86 6.04
CA ASP B 343 -33.16 6.88 7.39
C ASP B 343 -33.21 5.51 8.05
N GLU B 344 -34.12 4.63 7.62
CA GLU B 344 -34.11 3.27 8.11
C GLU B 344 -32.81 2.56 7.73
N PHE B 345 -32.31 2.83 6.53
CA PHE B 345 -31.03 2.24 6.11
C PHE B 345 -29.84 2.99 6.69
N LEU B 346 -29.91 4.32 6.71
CA LEU B 346 -28.78 5.12 7.21
C LEU B 346 -28.51 4.84 8.68
N ARG B 347 -29.52 4.39 9.43
CA ARG B 347 -29.29 4.00 10.81
C ARG B 347 -28.30 2.85 10.91
N ILE B 348 -28.35 1.92 9.95
CA ILE B 348 -27.43 0.78 9.97
C ILE B 348 -26.01 1.24 9.65
N SER B 349 -25.86 2.06 8.61
CA SER B 349 -24.52 2.39 8.10
C SER B 349 -23.76 3.30 9.05
N THR B 350 -24.49 4.19 9.72
CA THR B 350 -23.87 5.25 10.55
C THR B 350 -23.14 4.61 11.72
N ALA B 351 -23.80 3.70 12.44
CA ALA B 351 -23.20 3.08 13.64
C ALA B 351 -21.99 2.18 13.36
N SER B 352 -22.03 1.34 12.33
CA SER B 352 -20.99 0.31 12.14
C SER B 352 -19.56 0.76 11.87
N GLY B 353 -19.34 1.65 10.90
CA GLY B 353 -17.93 1.94 10.59
C GLY B 353 -17.68 3.33 10.08
N ASP B 354 -16.60 3.95 10.55
CA ASP B 354 -16.34 5.36 10.16
C ASP B 354 -14.91 5.50 9.67
N GLY B 355 -14.72 6.16 8.53
CA GLY B 355 -13.37 6.43 8.03
C GLY B 355 -12.81 5.21 7.34
N ARG B 356 -13.59 4.14 7.29
CA ARG B 356 -13.11 2.95 6.55
C ARG B 356 -14.00 2.82 5.33
N HIS B 357 -15.30 3.07 5.50
CA HIS B 357 -16.14 2.91 4.33
C HIS B 357 -17.47 3.61 4.61
N TYR B 358 -18.02 4.24 3.58
CA TYR B 358 -19.19 5.09 3.72
C TYR B 358 -20.36 4.52 2.93
N CYS B 359 -21.52 5.17 3.08
CA CYS B 359 -22.73 4.82 2.35
C CYS B 359 -23.26 6.05 1.66
N TYR B 360 -23.66 5.90 0.39
CA TYR B 360 -24.11 7.01 -0.44
C TYR B 360 -25.54 6.73 -0.92
N PRO B 361 -26.54 7.11 -0.15
CA PRO B 361 -27.93 6.87 -0.57
C PRO B 361 -28.30 7.73 -1.76
N HIS B 362 -29.25 7.21 -2.55
CA HIS B 362 -29.76 7.93 -3.71
C HIS B 362 -31.21 7.54 -3.94
N PHE B 363 -32.02 8.52 -4.31
CA PHE B 363 -33.43 8.29 -4.64
C PHE B 363 -33.59 8.10 -6.15
N THR B 364 -32.97 7.05 -6.65
CA THR B 364 -32.96 6.78 -8.09
C THR B 364 -34.31 6.22 -8.53
N CYS B 365 -34.41 5.97 -9.83
CA CYS B 365 -35.51 5.22 -10.42
C CYS B 365 -34.93 4.31 -11.49
N SER B 366 -35.64 3.21 -11.76
CA SER B 366 -35.14 2.23 -12.73
C SER B 366 -34.97 2.87 -14.11
N VAL B 367 -35.86 3.79 -14.47
CA VAL B 367 -35.76 4.42 -15.79
C VAL B 367 -34.77 5.57 -15.81
N ASP B 368 -34.31 6.04 -14.65
CA ASP B 368 -33.41 7.19 -14.61
C ASP B 368 -32.11 6.90 -15.34
N THR B 369 -31.63 7.91 -16.08
CA THR B 369 -30.32 7.85 -16.73
C THR B 369 -29.22 8.47 -15.88
N GLU B 370 -29.57 9.10 -14.76
CA GLU B 370 -28.59 9.67 -13.86
C GLU B 370 -27.98 8.63 -12.92
N ASN B 371 -28.44 7.39 -12.96
CA ASN B 371 -27.86 6.36 -12.11
C ASN B 371 -26.40 6.12 -12.46
N ILE B 372 -26.05 6.19 -13.75
CA ILE B 372 -24.61 6.07 -14.14
C ILE B 372 -23.85 7.23 -13.50
N ARG B 373 -24.43 8.43 -13.51
CA ARG B 373 -23.71 9.60 -13.00
C ARG B 373 -23.56 9.53 -11.48
N ARG B 374 -24.57 9.03 -10.78
CA ARG B 374 -24.47 8.88 -9.33
C ARG B 374 -23.35 7.91 -8.96
N VAL B 375 -23.21 6.82 -9.72
CA VAL B 375 -22.14 5.87 -9.47
C VAL B 375 -20.78 6.52 -9.72
N PHE B 376 -20.67 7.30 -10.78
CA PHE B 376 -19.40 7.95 -11.10
C PHE B 376 -19.00 8.95 -10.01
N ASN B 377 -19.94 9.80 -9.59
CA ASN B 377 -19.63 10.80 -8.57
C ASN B 377 -19.30 10.14 -7.24
N ASP B 378 -19.97 9.05 -6.89
CA ASP B 378 -19.69 8.37 -5.64
C ASP B 378 -18.34 7.66 -5.69
N CYS B 379 -18.00 7.08 -6.85
CA CYS B 379 -16.69 6.44 -6.98
C CYS B 379 -15.56 7.46 -6.95
N ARG B 380 -15.81 8.66 -7.47
CA ARG B 380 -14.81 9.73 -7.36
C ARG B 380 -14.59 10.12 -5.91
N ASP B 381 -15.66 10.22 -5.13
CA ASP B 381 -15.54 10.58 -3.72
C ASP B 381 -14.92 9.46 -2.90
N ILE B 382 -15.12 8.21 -3.30
CA ILE B 382 -14.52 7.09 -2.58
C ILE B 382 -13.01 7.07 -2.76
N ILE B 383 -12.55 7.28 -4.00
CA ILE B 383 -11.11 7.32 -4.26
C ILE B 383 -10.47 8.51 -3.56
N GLN B 384 -11.09 9.69 -3.67
CA GLN B 384 -10.55 10.88 -3.02
C GLN B 384 -10.43 10.69 -1.51
N ARG B 385 -11.46 10.12 -0.89
CA ARG B 385 -11.39 9.89 0.55
C ARG B 385 -10.32 8.86 0.91
N MET B 386 -9.98 7.97 -0.03
CA MET B 386 -8.90 7.02 0.22
C MET B 386 -7.54 7.70 0.21
N HIS B 387 -7.31 8.57 -0.77
CA HIS B 387 -6.01 9.25 -0.86
C HIS B 387 -5.82 10.21 0.31
N LEU B 388 -6.85 10.97 0.67
CA LEU B 388 -6.75 11.86 1.82
C LEU B 388 -6.43 11.11 3.10
N ARG B 389 -6.91 9.87 3.22
CA ARG B 389 -6.56 9.04 4.36
C ARG B 389 -5.13 8.54 4.28
N GLN B 390 -4.61 8.34 3.07
CA GLN B 390 -3.23 7.89 2.91
C GLN B 390 -2.26 8.95 3.43
N TYR B 391 -2.52 10.21 3.13
CA TYR B 391 -1.72 11.31 3.65
C TYR B 391 -2.13 11.73 5.06
N GLU B 392 -3.05 10.97 5.67
CA GLU B 392 -3.56 11.26 7.01
C GLU B 392 -4.16 12.66 7.09
N LEU B 393 -4.83 13.07 6.02
CA LEU B 393 -5.51 14.36 5.96
C LEU B 393 -6.99 14.25 6.29
N LEU B 394 -7.46 13.07 6.69
CA LEU B 394 -8.85 12.88 7.07
C LEU B 394 -8.98 11.89 8.22
N GLU C 3 -44.04 -41.41 6.53
CA GLU C 3 -44.17 -40.28 7.45
C GLU C 3 -42.81 -39.71 7.81
N LEU C 4 -42.68 -38.39 7.71
CA LEU C 4 -41.41 -37.75 8.03
C LEU C 4 -41.02 -37.97 9.49
N ASP C 5 -42.00 -37.94 10.39
CA ASP C 5 -41.71 -38.18 11.81
C ASP C 5 -41.16 -39.58 12.03
N GLN C 6 -41.65 -40.56 11.29
CA GLN C 6 -41.16 -41.92 11.44
C GLN C 6 -39.74 -42.06 10.90
N LEU C 7 -39.49 -41.56 9.70
CA LEU C 7 -38.17 -41.70 9.08
C LEU C 7 -37.12 -40.87 9.80
N ARG C 8 -37.49 -39.67 10.27
CA ARG C 8 -36.54 -38.86 11.02
C ARG C 8 -36.21 -39.51 12.37
N GLN C 9 -37.20 -40.12 13.01
CA GLN C 9 -36.94 -40.83 14.27
C GLN C 9 -36.08 -42.06 14.05
N GLU C 10 -36.24 -42.73 12.91
CA GLU C 10 -35.35 -43.85 12.58
C GLU C 10 -33.93 -43.36 12.36
N ALA C 11 -33.76 -42.24 11.66
CA ALA C 11 -32.43 -41.69 11.45
C ALA C 11 -31.81 -41.20 12.76
N GLU C 12 -32.64 -40.64 13.64
CA GLU C 12 -32.13 -40.20 14.94
C GLU C 12 -31.58 -41.38 15.75
N GLN C 13 -32.30 -42.50 15.76
CA GLN C 13 -31.80 -43.69 16.43
C GLN C 13 -30.59 -44.26 15.71
N LEU C 14 -30.64 -44.32 14.37
CA LEU C 14 -29.54 -44.89 13.61
C LEU C 14 -28.27 -44.05 13.73
N LYS C 15 -28.39 -42.76 14.04
CA LYS C 15 -27.22 -41.97 14.39
C LYS C 15 -26.59 -42.47 15.69
N ASN C 16 -27.42 -42.84 16.67
CA ASN C 16 -26.90 -43.28 17.96
C ASN C 16 -26.10 -44.57 17.83
N GLN C 17 -26.56 -45.50 16.98
CA GLN C 17 -25.83 -46.74 16.80
C GLN C 17 -24.44 -46.50 16.22
N ILE C 18 -24.36 -45.62 15.21
CA ILE C 18 -23.05 -45.27 14.63
C ILE C 18 -22.20 -44.55 15.66
N ARG C 19 -22.83 -43.71 16.49
CA ARG C 19 -22.10 -43.04 17.56
C ARG C 19 -21.45 -44.04 18.51
N ASP C 20 -22.22 -45.03 18.97
CA ASP C 20 -21.66 -46.08 19.82
C ASP C 20 -20.69 -46.96 19.04
N ALA C 21 -20.89 -47.13 17.74
CA ALA C 21 -19.99 -47.94 16.94
C ALA C 21 -18.59 -47.35 16.91
N ARG C 22 -18.49 -46.03 16.73
CA ARG C 22 -17.19 -45.38 16.79
C ARG C 22 -16.64 -45.36 18.21
N LYS C 23 -17.50 -45.08 19.18
CA LYS C 23 -17.06 -45.02 20.57
C LYS C 23 -16.55 -46.37 21.06
N ALA C 24 -17.06 -47.47 20.50
CA ALA C 24 -16.63 -48.80 20.92
C ALA C 24 -15.16 -49.04 20.57
N CYS C 25 -14.72 -48.60 19.39
CA CYS C 25 -13.37 -48.85 18.93
C CYS C 25 -12.33 -47.95 19.60
N ALA C 26 -12.74 -47.02 20.45
CA ALA C 26 -11.82 -46.04 21.04
C ALA C 26 -11.36 -46.57 22.41
N ASP C 27 -10.10 -47.02 22.45
CA ASP C 27 -9.48 -47.46 23.69
C ASP C 27 -8.31 -46.59 24.13
N ALA C 28 -7.42 -46.23 23.20
CA ALA C 28 -6.24 -45.43 23.51
C ALA C 28 -6.14 -44.27 22.52
N THR C 29 -5.92 -43.08 23.05
CA THR C 29 -5.79 -41.89 22.22
C THR C 29 -4.43 -41.88 21.52
N LEU C 30 -4.39 -41.28 20.33
CA LEU C 30 -3.13 -41.17 19.59
C LEU C 30 -2.07 -40.42 20.40
N SER C 31 -2.48 -39.41 21.16
CA SER C 31 -1.51 -38.64 21.95
C SER C 31 -0.85 -39.51 23.01
N GLN C 32 -1.63 -40.38 23.66
CA GLN C 32 -1.08 -41.23 24.72
C GLN C 32 -0.03 -42.19 24.18
N ILE C 33 -0.23 -42.71 22.96
CA ILE C 33 0.73 -43.67 22.40
C ILE C 33 1.97 -42.95 21.88
N THR C 34 1.79 -41.76 21.29
CA THR C 34 2.91 -40.98 20.78
C THR C 34 3.69 -40.26 21.88
N ASN C 35 3.43 -40.57 23.14
CA ASN C 35 4.16 -39.93 24.23
C ASN C 35 5.61 -40.39 24.27
N ASN C 36 5.89 -41.62 23.82
CA ASN C 36 7.23 -42.17 23.89
C ASN C 36 8.12 -41.80 22.71
N ILE C 37 7.52 -41.57 21.53
CA ILE C 37 8.34 -41.29 20.35
C ILE C 37 9.11 -39.97 20.53
N ASP C 38 10.20 -39.86 19.79
CA ASP C 38 11.08 -38.70 19.90
C ASP C 38 10.43 -37.48 19.25
N PRO C 39 10.44 -36.32 19.89
CA PRO C 39 9.88 -35.12 19.28
C PRO C 39 10.70 -34.66 18.07
N VAL C 40 10.02 -33.97 17.16
CA VAL C 40 10.68 -33.51 15.94
C VAL C 40 11.69 -32.40 16.21
N GLY C 41 11.41 -31.51 17.16
CA GLY C 41 12.28 -30.38 17.42
C GLY C 41 11.94 -29.19 16.54
N ARG C 42 12.50 -28.04 16.90
CA ARG C 42 12.23 -26.82 16.17
C ARG C 42 12.79 -26.89 14.75
N ILE C 43 11.91 -26.72 13.77
CA ILE C 43 12.29 -26.75 12.37
C ILE C 43 12.26 -25.33 11.82
N GLN C 44 13.36 -24.90 11.21
CA GLN C 44 13.45 -23.58 10.59
C GLN C 44 13.55 -23.73 9.07
N MET C 45 12.60 -23.14 8.36
CA MET C 45 12.67 -23.04 6.91
C MET C 45 12.79 -21.58 6.50
N ARG C 46 13.35 -21.37 5.31
CA ARG C 46 13.57 -20.04 4.77
C ARG C 46 13.01 -19.96 3.36
N THR C 47 12.57 -18.77 2.98
CA THR C 47 12.06 -18.55 1.64
C THR C 47 13.23 -18.49 0.67
N ARG C 48 13.47 -19.60 -0.04
CA ARG C 48 14.58 -19.66 -0.98
C ARG C 48 14.29 -18.81 -2.21
N ARG C 49 13.21 -19.10 -2.91
CA ARG C 49 12.77 -18.33 -4.06
C ARG C 49 11.49 -17.57 -3.71
N THR C 50 11.28 -16.46 -4.42
CA THR C 50 10.08 -15.64 -4.26
C THR C 50 9.56 -15.31 -5.65
N LEU C 51 8.37 -15.79 -6.01
CA LEU C 51 7.92 -15.72 -7.43
C LEU C 51 6.85 -14.64 -7.58
N ARG C 52 7.23 -13.51 -8.17
CA ARG C 52 6.46 -12.27 -8.31
C ARG C 52 5.96 -12.13 -9.74
N GLY C 53 4.89 -11.34 -9.89
CA GLY C 53 4.36 -11.05 -11.20
C GLY C 53 2.85 -10.96 -11.27
N HIS C 54 2.16 -11.56 -10.29
CA HIS C 54 0.71 -11.52 -10.27
C HIS C 54 0.21 -10.16 -9.79
N LEU C 55 -0.87 -9.69 -10.41
CA LEU C 55 -1.36 -8.34 -10.11
C LEU C 55 -2.30 -8.34 -8.91
N ALA C 56 -3.31 -9.22 -8.92
CA ALA C 56 -4.29 -9.30 -7.86
C ALA C 56 -3.98 -10.48 -6.96
N LYS C 57 -4.85 -10.69 -5.97
CA LYS C 57 -4.61 -11.72 -4.97
C LYS C 57 -4.76 -13.13 -5.55
N ILE C 58 -4.17 -14.09 -4.86
CA ILE C 58 -4.02 -15.46 -5.31
C ILE C 58 -4.83 -16.37 -4.41
N TYR C 59 -5.50 -17.37 -5.00
CA TYR C 59 -6.15 -18.41 -4.20
C TYR C 59 -5.55 -19.79 -4.35
N ALA C 60 -4.81 -20.08 -5.41
CA ALA C 60 -4.52 -21.46 -5.71
C ALA C 60 -3.10 -21.62 -6.26
N MET C 61 -2.60 -22.85 -6.13
CA MET C 61 -1.28 -23.28 -6.56
C MET C 61 -1.24 -24.80 -6.42
N HIS C 62 -0.53 -25.47 -7.33
CA HIS C 62 -0.46 -26.93 -7.29
C HIS C 62 0.90 -27.36 -7.82
N TRP C 63 1.70 -27.97 -6.95
CA TRP C 63 3.02 -28.45 -7.34
C TRP C 63 2.92 -29.50 -8.44
N GLY C 64 3.94 -29.51 -9.31
CA GLY C 64 3.96 -30.46 -10.39
C GLY C 64 4.38 -31.86 -9.95
N THR C 65 4.26 -32.80 -10.88
CA THR C 65 4.72 -34.15 -10.62
C THR C 65 6.24 -34.23 -10.60
N ASP C 66 6.91 -33.47 -11.47
CA ASP C 66 8.37 -33.40 -11.45
C ASP C 66 8.89 -32.66 -10.21
N SER C 67 8.01 -32.05 -9.43
CA SER C 67 8.32 -31.28 -8.22
C SER C 67 9.09 -30.01 -8.52
N ARG C 68 9.21 -29.63 -9.79
CA ARG C 68 9.90 -28.41 -10.18
C ARG C 68 8.99 -27.33 -10.73
N LEU C 69 7.90 -27.72 -11.41
CA LEU C 69 6.96 -26.78 -11.99
C LEU C 69 5.77 -26.58 -11.07
N LEU C 70 4.96 -25.56 -11.37
CA LEU C 70 3.74 -25.28 -10.63
C LEU C 70 2.96 -24.21 -11.38
N VAL C 71 1.68 -24.06 -11.00
CA VAL C 71 0.77 -23.13 -11.65
C VAL C 71 0.10 -22.28 -10.58
N SER C 72 -0.19 -21.03 -10.92
CA SER C 72 -0.75 -20.05 -9.99
C SER C 72 -1.92 -19.33 -10.63
N ALA C 73 -3.07 -19.34 -9.97
CA ALA C 73 -4.27 -18.66 -10.43
C ALA C 73 -4.55 -17.46 -9.52
N SER C 74 -4.82 -16.31 -10.13
CA SER C 74 -5.02 -15.08 -9.38
C SER C 74 -6.27 -14.35 -9.87
N GLN C 75 -6.78 -13.47 -9.02
CA GLN C 75 -8.03 -12.76 -9.30
C GLN C 75 -7.92 -11.78 -10.46
N ASP C 76 -6.71 -11.47 -10.93
CA ASP C 76 -6.57 -10.57 -12.07
C ASP C 76 -6.80 -11.27 -13.39
N GLY C 77 -7.36 -12.48 -13.37
CA GLY C 77 -7.68 -13.20 -14.59
C GLY C 77 -6.47 -13.70 -15.34
N LYS C 78 -5.53 -14.31 -14.63
CA LYS C 78 -4.30 -14.81 -15.22
C LYS C 78 -3.93 -16.15 -14.63
N LEU C 79 -3.49 -17.06 -15.49
CA LEU C 79 -2.75 -18.25 -15.07
C LEU C 79 -1.29 -18.04 -15.41
N ILE C 80 -0.42 -18.49 -14.51
CA ILE C 80 1.02 -18.29 -14.70
C ILE C 80 1.74 -19.55 -14.23
N ILE C 81 2.58 -20.09 -15.09
CA ILE C 81 3.35 -21.29 -14.78
C ILE C 81 4.77 -20.87 -14.40
N TRP C 82 5.32 -21.58 -13.42
CA TRP C 82 6.58 -21.22 -12.80
C TRP C 82 7.59 -22.35 -12.94
N ASP C 83 8.86 -21.97 -12.88
CA ASP C 83 9.98 -22.91 -12.78
C ASP C 83 10.64 -22.59 -11.44
N SER C 84 10.26 -23.34 -10.41
CA SER C 84 10.68 -23.02 -9.05
C SER C 84 12.19 -23.08 -8.87
N TYR C 85 12.91 -23.75 -9.77
CA TYR C 85 14.36 -23.78 -9.68
C TYR C 85 14.97 -22.46 -10.15
N THR C 86 14.73 -22.11 -11.41
CA THR C 86 15.31 -20.92 -12.00
C THR C 86 14.47 -19.66 -11.80
N THR C 87 13.27 -19.79 -11.22
CA THR C 87 12.37 -18.68 -10.89
C THR C 87 11.76 -18.09 -12.16
N ASN C 88 12.19 -18.56 -13.32
CA ASN C 88 11.66 -18.06 -14.58
C ASN C 88 10.25 -18.58 -14.81
N LYS C 89 9.40 -17.71 -15.36
CA LYS C 89 8.07 -18.14 -15.79
C LYS C 89 8.18 -18.99 -17.07
N VAL C 90 7.10 -19.67 -17.41
CA VAL C 90 7.06 -20.45 -18.64
C VAL C 90 5.89 -19.97 -19.49
N HIS C 91 4.67 -20.08 -18.96
CA HIS C 91 3.46 -19.63 -19.65
C HIS C 91 2.69 -18.66 -18.76
N ALA C 92 2.01 -17.71 -19.40
CA ALA C 92 1.12 -16.76 -18.73
C ALA C 92 -0.19 -16.78 -19.50
N ILE C 93 -1.12 -17.62 -19.06
CA ILE C 93 -2.37 -17.87 -19.78
C ILE C 93 -3.43 -16.93 -19.21
N PRO C 94 -3.96 -16.00 -19.99
CA PRO C 94 -5.10 -15.21 -19.52
C PRO C 94 -6.36 -16.08 -19.47
N LEU C 95 -7.21 -15.76 -18.49
CA LEU C 95 -8.45 -16.51 -18.28
C LEU C 95 -9.65 -15.68 -18.72
N ARG C 96 -10.77 -16.37 -18.92
CA ARG C 96 -11.97 -15.70 -19.40
C ARG C 96 -12.70 -15.00 -18.25
N SER C 97 -12.97 -15.71 -17.16
CA SER C 97 -13.57 -15.11 -15.98
C SER C 97 -12.48 -14.70 -15.00
N SER C 98 -12.59 -13.48 -14.48
CA SER C 98 -11.61 -12.94 -13.56
C SER C 98 -11.93 -13.29 -12.11
N TRP C 99 -12.69 -14.35 -11.87
CA TRP C 99 -13.02 -14.80 -10.53
C TRP C 99 -12.71 -16.31 -10.48
N VAL C 100 -11.44 -16.63 -10.28
CA VAL C 100 -10.96 -18.00 -10.26
C VAL C 100 -10.62 -18.37 -8.82
N MET C 101 -11.16 -19.50 -8.37
CA MET C 101 -11.02 -19.91 -6.98
C MET C 101 -10.15 -21.14 -6.78
N THR C 102 -9.73 -21.80 -7.85
CA THR C 102 -8.92 -23.01 -7.72
C THR C 102 -8.09 -23.21 -8.96
N CYS C 103 -7.05 -24.03 -8.83
CA CYS C 103 -6.25 -24.46 -9.95
C CYS C 103 -5.77 -25.88 -9.70
N ALA C 104 -5.34 -26.54 -10.76
CA ALA C 104 -4.90 -27.93 -10.69
C ALA C 104 -3.80 -28.15 -11.70
N TYR C 105 -3.03 -29.22 -11.48
CA TYR C 105 -1.97 -29.60 -12.40
C TYR C 105 -2.10 -31.09 -12.65
N ALA C 106 -2.01 -31.50 -13.91
CA ALA C 106 -2.20 -32.90 -14.25
C ALA C 106 -1.07 -33.75 -13.67
N PRO C 107 -1.35 -34.96 -13.19
CA PRO C 107 -0.27 -35.82 -12.67
C PRO C 107 0.72 -36.23 -13.74
N SER C 108 0.31 -36.24 -15.01
CA SER C 108 1.24 -36.50 -16.10
C SER C 108 2.04 -35.26 -16.50
N GLY C 109 1.70 -34.10 -15.97
CA GLY C 109 2.37 -32.86 -16.33
C GLY C 109 1.90 -32.22 -17.60
N ASN C 110 0.80 -32.69 -18.19
CA ASN C 110 0.33 -32.18 -19.47
C ASN C 110 -0.73 -31.10 -19.35
N TYR C 111 -1.53 -31.11 -18.29
CA TYR C 111 -2.73 -30.27 -18.21
C TYR C 111 -2.77 -29.49 -16.91
N VAL C 112 -3.39 -28.31 -16.99
CA VAL C 112 -3.74 -27.51 -15.81
C VAL C 112 -5.20 -27.11 -15.94
N ALA C 113 -5.88 -26.99 -14.80
CA ALA C 113 -7.29 -26.65 -14.79
C ALA C 113 -7.56 -25.60 -13.72
N CYS C 114 -8.43 -24.64 -14.06
CA CYS C 114 -8.88 -23.61 -13.14
C CYS C 114 -10.39 -23.70 -12.97
N GLY C 115 -10.90 -22.93 -12.02
CA GLY C 115 -12.33 -22.87 -11.78
C GLY C 115 -12.64 -21.80 -10.76
N GLY C 116 -13.88 -21.31 -10.81
CA GLY C 116 -14.28 -20.26 -9.90
C GLY C 116 -15.73 -19.86 -9.99
N LEU C 117 -16.01 -18.57 -9.78
CA LEU C 117 -17.38 -18.08 -9.73
C LEU C 117 -18.12 -18.26 -11.05
N ASP C 118 -17.40 -18.49 -12.14
CA ASP C 118 -18.04 -18.73 -13.44
C ASP C 118 -18.75 -20.08 -13.50
N ASN C 119 -18.55 -20.94 -12.50
CA ASN C 119 -19.17 -22.27 -12.40
C ASN C 119 -18.64 -23.23 -13.46
N ILE C 120 -17.60 -22.86 -14.18
CA ILE C 120 -17.07 -23.66 -15.29
C ILE C 120 -15.68 -24.15 -14.92
N CYS C 121 -15.41 -25.41 -15.21
CA CYS C 121 -14.07 -25.99 -15.07
C CYS C 121 -13.38 -25.94 -16.43
N SER C 122 -12.26 -25.25 -16.49
CA SER C 122 -11.53 -25.04 -17.73
C SER C 122 -10.30 -25.95 -17.74
N ILE C 123 -10.16 -26.73 -18.81
CA ILE C 123 -9.06 -27.67 -18.97
C ILE C 123 -8.10 -27.09 -19.98
N TYR C 124 -6.87 -26.80 -19.55
CA TYR C 124 -5.84 -26.21 -20.40
C TYR C 124 -4.76 -27.22 -20.70
N ASN C 125 -4.45 -27.40 -21.98
CA ASN C 125 -3.37 -28.29 -22.41
C ASN C 125 -2.08 -27.49 -22.49
N LEU C 126 -1.07 -27.92 -21.75
CA LEU C 126 0.21 -27.19 -21.75
C LEU C 126 1.05 -27.58 -22.95
N LYS C 127 1.19 -28.87 -23.23
CA LYS C 127 1.99 -29.36 -24.34
C LYS C 127 1.10 -29.37 -25.59
N THR C 128 1.20 -28.30 -26.38
CA THR C 128 0.46 -28.18 -27.63
C THR C 128 1.36 -27.53 -28.66
N ARG C 129 0.85 -27.43 -29.90
CA ARG C 129 1.58 -26.72 -30.95
C ARG C 129 1.91 -25.30 -30.51
N GLU C 130 0.90 -24.58 -30.02
CA GLU C 130 1.14 -23.26 -29.43
C GLU C 130 1.43 -23.35 -27.94
N GLY C 131 0.75 -24.26 -27.25
CA GLY C 131 0.90 -24.36 -25.81
C GLY C 131 0.41 -23.11 -25.11
N ASN C 132 -0.80 -22.68 -25.46
CA ASN C 132 -1.25 -21.32 -25.15
C ASN C 132 -2.75 -21.35 -24.87
N VAL C 133 -3.40 -20.19 -24.97
CA VAL C 133 -4.76 -19.93 -24.54
C VAL C 133 -5.78 -20.94 -25.06
N ARG C 134 -5.40 -21.72 -26.08
CA ARG C 134 -6.31 -22.71 -26.63
C ARG C 134 -6.74 -23.70 -25.55
N VAL C 135 -8.02 -23.66 -25.18
CA VAL C 135 -8.56 -24.45 -24.08
C VAL C 135 -9.03 -25.80 -24.62
N SER C 136 -8.63 -26.88 -23.93
CA SER C 136 -8.98 -28.22 -24.39
C SER C 136 -10.43 -28.60 -24.08
N ARG C 137 -10.98 -28.11 -22.98
CA ARG C 137 -12.33 -28.48 -22.59
C ARG C 137 -12.84 -27.51 -21.53
N GLU C 138 -14.11 -27.12 -21.66
CA GLU C 138 -14.79 -26.21 -20.73
C GLU C 138 -15.93 -26.99 -20.07
N LEU C 139 -15.65 -27.61 -18.94
CA LEU C 139 -16.65 -28.42 -18.25
C LEU C 139 -17.65 -27.52 -17.54
N ALA C 140 -18.93 -27.68 -17.87
CA ALA C 140 -20.00 -26.87 -17.30
C ALA C 140 -21.15 -27.77 -16.87
N GLY C 141 -21.93 -27.29 -15.92
CA GLY C 141 -23.09 -28.02 -15.45
C GLY C 141 -23.20 -28.13 -13.95
N HIS C 142 -22.41 -27.34 -13.22
CA HIS C 142 -22.38 -27.46 -11.77
C HIS C 142 -23.45 -26.62 -11.09
N THR C 143 -23.85 -25.50 -11.68
CA THR C 143 -24.84 -24.58 -11.09
C THR C 143 -24.41 -24.13 -9.70
N GLY C 144 -23.16 -23.64 -9.61
CA GLY C 144 -22.59 -23.15 -8.39
C GLY C 144 -21.10 -22.92 -8.56
N TYR C 145 -20.49 -22.08 -7.72
CA TYR C 145 -19.09 -21.76 -7.90
C TYR C 145 -18.22 -22.98 -7.61
N LEU C 146 -17.37 -23.32 -8.58
CA LEU C 146 -16.47 -24.46 -8.42
C LEU C 146 -15.34 -24.08 -7.47
N SER C 147 -15.05 -24.96 -6.51
CA SER C 147 -14.13 -24.63 -5.44
C SER C 147 -12.79 -25.37 -5.50
N CYS C 148 -12.76 -26.59 -6.04
CA CYS C 148 -11.52 -27.37 -6.06
C CYS C 148 -11.61 -28.41 -7.16
N CYS C 149 -10.50 -28.59 -7.88
CA CYS C 149 -10.39 -29.60 -8.93
C CYS C 149 -9.04 -30.29 -8.82
N ARG C 150 -9.05 -31.61 -8.99
CA ARG C 150 -7.83 -32.42 -8.91
C ARG C 150 -7.93 -33.55 -9.93
N PHE C 151 -7.00 -33.60 -10.87
CA PHE C 151 -7.03 -34.60 -11.92
C PHE C 151 -6.77 -35.99 -11.36
N LEU C 152 -7.69 -36.93 -11.61
CA LEU C 152 -7.34 -38.34 -11.47
C LEU C 152 -6.36 -38.78 -12.54
N ASP C 153 -6.48 -38.22 -13.74
CA ASP C 153 -5.70 -38.60 -14.90
C ASP C 153 -5.86 -37.50 -15.94
N ASP C 154 -5.34 -37.75 -17.13
CA ASP C 154 -5.53 -36.81 -18.24
C ASP C 154 -6.96 -36.78 -18.75
N ASN C 155 -7.80 -37.74 -18.34
CA ASN C 155 -9.16 -37.83 -18.83
C ASN C 155 -10.21 -37.85 -17.73
N GLN C 156 -9.82 -37.81 -16.46
CA GLN C 156 -10.76 -37.79 -15.36
C GLN C 156 -10.33 -36.75 -14.35
N ILE C 157 -11.27 -35.89 -13.95
CA ILE C 157 -11.01 -34.79 -13.02
C ILE C 157 -12.21 -34.64 -12.10
N VAL C 158 -11.96 -34.62 -10.80
CA VAL C 158 -13.02 -34.46 -9.80
C VAL C 158 -13.11 -33.00 -9.41
N THR C 159 -14.31 -32.43 -9.50
CA THR C 159 -14.55 -31.03 -9.20
C THR C 159 -15.60 -30.91 -8.10
N SER C 160 -15.35 -30.03 -7.14
CA SER C 160 -16.30 -29.72 -6.07
C SER C 160 -16.82 -28.31 -6.28
N SER C 161 -18.13 -28.13 -6.16
CA SER C 161 -18.77 -26.86 -6.42
C SER C 161 -19.64 -26.46 -5.23
N GLY C 162 -20.11 -25.21 -5.27
CA GLY C 162 -20.98 -24.69 -4.23
C GLY C 162 -22.40 -25.20 -4.28
N ASP C 163 -22.76 -25.97 -5.30
CA ASP C 163 -24.08 -26.58 -5.39
C ASP C 163 -24.25 -27.75 -4.44
N THR C 164 -23.31 -27.95 -3.52
CA THR C 164 -23.29 -28.98 -2.49
C THR C 164 -23.06 -30.38 -3.05
N THR C 165 -22.60 -30.50 -4.30
CA THR C 165 -22.38 -31.79 -4.94
C THR C 165 -21.00 -31.81 -5.60
N CYS C 166 -20.25 -32.88 -5.37
CA CYS C 166 -19.02 -33.13 -6.10
C CYS C 166 -19.34 -33.89 -7.38
N ALA C 167 -18.33 -34.07 -8.23
CA ALA C 167 -18.56 -34.70 -9.52
C ALA C 167 -17.25 -35.29 -10.05
N LEU C 168 -17.40 -36.22 -10.98
CA LEU C 168 -16.29 -36.81 -11.72
C LEU C 168 -16.52 -36.56 -13.20
N TRP C 169 -15.53 -35.96 -13.86
CA TRP C 169 -15.70 -35.44 -15.21
C TRP C 169 -14.84 -36.24 -16.19
N ASP C 170 -15.50 -36.88 -17.16
CA ASP C 170 -14.81 -37.45 -18.30
C ASP C 170 -14.55 -36.33 -19.31
N ILE C 171 -13.29 -35.93 -19.44
CA ILE C 171 -12.98 -34.71 -20.20
C ILE C 171 -13.27 -34.89 -21.67
N GLU C 172 -12.98 -36.06 -22.24
CA GLU C 172 -13.25 -36.31 -23.65
C GLU C 172 -14.73 -36.12 -23.96
N THR C 173 -15.60 -36.80 -23.21
CA THR C 173 -17.03 -36.58 -23.37
C THR C 173 -17.43 -35.19 -22.89
N GLY C 174 -16.85 -34.73 -21.79
CA GLY C 174 -17.16 -33.44 -21.22
C GLY C 174 -18.32 -33.44 -20.26
N GLN C 175 -18.99 -34.56 -20.06
CA GLN C 175 -20.15 -34.66 -19.19
C GLN C 175 -19.78 -35.45 -17.95
N GLN C 176 -20.25 -34.99 -16.79
CA GLN C 176 -19.92 -35.63 -15.52
C GLN C 176 -20.41 -37.08 -15.50
N THR C 177 -19.46 -38.01 -15.41
CA THR C 177 -19.81 -39.43 -15.37
C THR C 177 -20.54 -39.79 -14.08
N THR C 178 -20.04 -39.32 -12.94
CA THR C 178 -20.63 -39.64 -11.65
C THR C 178 -20.75 -38.37 -10.83
N THR C 179 -21.89 -38.20 -10.18
CA THR C 179 -22.15 -37.07 -9.31
C THR C 179 -22.22 -37.54 -7.87
N PHE C 180 -21.48 -36.88 -6.99
CA PHE C 180 -21.41 -37.23 -5.58
C PHE C 180 -22.27 -36.25 -4.78
N THR C 181 -23.42 -36.73 -4.30
CA THR C 181 -24.35 -35.90 -3.55
C THR C 181 -24.46 -36.42 -2.12
N GLY C 182 -24.91 -35.54 -1.23
CA GLY C 182 -25.05 -35.88 0.17
C GLY C 182 -24.67 -34.72 1.08
N HIS C 183 -23.80 -33.84 0.58
CA HIS C 183 -23.44 -32.64 1.32
C HIS C 183 -24.60 -31.65 1.31
N THR C 184 -24.79 -30.95 2.42
CA THR C 184 -25.83 -29.93 2.51
C THR C 184 -25.31 -28.53 2.30
N GLY C 185 -24.02 -28.28 2.52
CA GLY C 185 -23.42 -26.99 2.31
C GLY C 185 -22.42 -27.01 1.15
N ASP C 186 -21.90 -25.83 0.84
CA ASP C 186 -20.97 -25.70 -0.27
C ASP C 186 -19.69 -26.49 0.01
N VAL C 187 -19.24 -27.25 -0.99
CA VAL C 187 -18.00 -27.99 -0.85
C VAL C 187 -16.84 -27.08 -1.21
N MET C 188 -15.81 -27.06 -0.36
CA MET C 188 -14.71 -26.11 -0.48
C MET C 188 -13.44 -26.73 -1.05
N SER C 189 -13.06 -27.92 -0.61
CA SER C 189 -11.82 -28.53 -1.04
C SER C 189 -11.99 -30.03 -1.18
N LEU C 190 -11.15 -30.62 -2.02
CA LEU C 190 -11.13 -32.06 -2.20
C LEU C 190 -9.69 -32.51 -2.40
N SER C 191 -9.42 -33.75 -2.02
CA SER C 191 -8.09 -34.33 -2.16
C SER C 191 -8.21 -35.72 -2.76
N LEU C 192 -7.32 -36.04 -3.69
CA LEU C 192 -7.25 -37.37 -4.27
C LEU C 192 -6.39 -38.28 -3.42
N ALA C 193 -6.79 -39.55 -3.34
CA ALA C 193 -5.97 -40.55 -2.68
C ALA C 193 -4.77 -40.88 -3.57
N PRO C 194 -3.70 -41.43 -2.98
CA PRO C 194 -2.57 -41.84 -3.83
C PRO C 194 -2.93 -42.93 -4.82
N ASP C 195 -3.68 -43.94 -4.39
CA ASP C 195 -4.16 -44.96 -5.32
C ASP C 195 -5.22 -44.44 -6.27
N THR C 196 -5.78 -43.27 -6.00
CA THR C 196 -6.79 -42.59 -6.82
C THR C 196 -8.08 -43.40 -6.95
N ARG C 197 -8.30 -44.36 -6.05
CA ARG C 197 -9.56 -45.09 -6.01
C ARG C 197 -10.58 -44.43 -5.09
N LEU C 198 -10.14 -43.59 -4.15
CA LEU C 198 -11.01 -42.85 -3.26
C LEU C 198 -10.62 -41.39 -3.26
N PHE C 199 -11.50 -40.55 -2.72
CA PHE C 199 -11.18 -39.15 -2.45
C PHE C 199 -12.13 -38.64 -1.39
N VAL C 200 -11.72 -37.56 -0.73
CA VAL C 200 -12.45 -37.00 0.40
C VAL C 200 -12.74 -35.54 0.13
N SER C 201 -13.87 -35.07 0.63
CA SER C 201 -14.29 -33.68 0.44
C SER C 201 -14.85 -33.13 1.75
N GLY C 202 -14.48 -31.90 2.07
CA GLY C 202 -15.03 -31.17 3.20
C GLY C 202 -15.86 -29.99 2.70
N ALA C 203 -17.03 -29.81 3.30
CA ALA C 203 -18.00 -28.84 2.81
C ALA C 203 -18.41 -27.90 3.93
N CYS C 204 -19.30 -26.95 3.59
CA CYS C 204 -19.74 -25.93 4.53
C CYS C 204 -20.58 -26.52 5.67
N ASP C 205 -21.05 -27.76 5.53
CA ASP C 205 -21.86 -28.38 6.57
C ASP C 205 -21.03 -28.95 7.71
N ALA C 206 -19.75 -28.57 7.81
CA ALA C 206 -18.87 -29.00 8.90
C ALA C 206 -18.71 -30.51 8.95
N SER C 207 -18.73 -31.17 7.80
CA SER C 207 -18.58 -32.61 7.72
C SER C 207 -17.72 -32.98 6.53
N ALA C 208 -17.01 -34.09 6.65
CA ALA C 208 -16.21 -34.64 5.57
C ALA C 208 -16.79 -35.99 5.15
N LYS C 209 -16.67 -36.29 3.86
CA LYS C 209 -17.24 -37.51 3.29
C LYS C 209 -16.20 -38.20 2.44
N LEU C 210 -16.18 -39.53 2.49
CA LEU C 210 -15.27 -40.34 1.68
C LEU C 210 -16.05 -40.95 0.52
N TRP C 211 -15.55 -40.74 -0.69
CA TRP C 211 -16.27 -41.11 -1.90
C TRP C 211 -15.49 -42.15 -2.69
N ASP C 212 -16.21 -43.15 -3.19
CA ASP C 212 -15.64 -44.14 -4.11
C ASP C 212 -15.82 -43.63 -5.53
N VAL C 213 -14.71 -43.35 -6.21
CA VAL C 213 -14.78 -42.75 -7.55
C VAL C 213 -15.48 -43.70 -8.53
N ARG C 214 -15.38 -45.00 -8.30
CA ARG C 214 -15.98 -45.98 -9.19
C ARG C 214 -17.41 -46.33 -8.79
N GLU C 215 -17.65 -46.58 -7.49
CA GLU C 215 -19.00 -46.87 -7.04
C GLU C 215 -19.88 -45.62 -7.08
N GLY C 216 -19.37 -44.51 -6.58
CA GLY C 216 -20.12 -43.27 -6.54
C GLY C 216 -20.94 -43.05 -5.29
N MET C 217 -20.70 -43.81 -4.23
CA MET C 217 -21.46 -43.72 -3.00
C MET C 217 -20.58 -43.15 -1.89
N CYS C 218 -21.20 -42.44 -0.96
CA CYS C 218 -20.48 -41.90 0.19
C CYS C 218 -20.09 -43.03 1.12
N ARG C 219 -18.88 -43.55 0.96
CA ARG C 219 -18.46 -44.73 1.73
C ARG C 219 -18.44 -44.43 3.23
N GLN C 220 -17.89 -43.28 3.62
CA GLN C 220 -17.81 -42.89 5.02
C GLN C 220 -18.09 -41.40 5.15
N THR C 221 -18.55 -41.00 6.33
CA THR C 221 -18.85 -39.61 6.63
C THR C 221 -18.26 -39.25 7.98
N PHE C 222 -17.39 -38.25 8.01
CA PHE C 222 -16.71 -37.83 9.22
C PHE C 222 -17.21 -36.44 9.64
N THR C 223 -17.45 -36.29 10.94
CA THR C 223 -17.89 -35.03 11.52
C THR C 223 -16.96 -34.66 12.65
N GLY C 224 -17.23 -33.50 13.27
CA GLY C 224 -16.44 -33.05 14.39
C GLY C 224 -16.08 -31.58 14.35
N HIS C 225 -15.83 -31.07 13.14
CA HIS C 225 -15.52 -29.65 13.00
C HIS C 225 -16.75 -28.81 13.30
N GLU C 226 -16.51 -27.63 13.89
CA GLU C 226 -17.58 -26.76 14.33
C GLU C 226 -17.98 -25.71 13.29
N SER C 227 -17.34 -25.72 12.12
CA SER C 227 -17.64 -24.74 11.08
C SER C 227 -17.20 -25.30 9.73
N ASP C 228 -17.21 -24.45 8.72
CA ASP C 228 -16.89 -24.88 7.36
C ASP C 228 -15.47 -25.43 7.27
N ILE C 229 -15.34 -26.52 6.51
CA ILE C 229 -14.04 -27.11 6.22
C ILE C 229 -13.50 -26.46 4.95
N ASN C 230 -12.39 -25.73 5.08
CA ASN C 230 -11.84 -24.99 3.96
C ASN C 230 -10.78 -25.76 3.17
N ALA C 231 -10.18 -26.77 3.78
CA ALA C 231 -9.10 -27.51 3.12
C ALA C 231 -9.07 -28.94 3.62
N ILE C 232 -8.47 -29.82 2.82
CA ILE C 232 -8.44 -31.24 3.12
C ILE C 232 -7.35 -31.89 2.27
N CYS C 233 -6.68 -32.88 2.84
CA CYS C 233 -5.65 -33.64 2.13
C CYS C 233 -5.49 -35.00 2.78
N PHE C 234 -5.05 -35.98 1.99
CA PHE C 234 -4.70 -37.30 2.50
C PHE C 234 -3.29 -37.40 3.04
N PHE C 235 -3.13 -38.29 4.02
CA PHE C 235 -1.82 -38.77 4.42
C PHE C 235 -1.16 -39.48 3.24
N PRO C 236 0.17 -39.52 3.19
CA PRO C 236 0.83 -40.17 2.05
C PRO C 236 0.48 -41.63 1.87
N ASN C 237 0.18 -42.36 2.96
CA ASN C 237 -0.14 -43.78 2.81
C ASN C 237 -1.52 -44.01 2.20
N GLY C 238 -2.40 -43.01 2.24
CA GLY C 238 -3.75 -43.16 1.74
C GLY C 238 -4.75 -43.67 2.75
N ASN C 239 -4.33 -43.93 3.98
CA ASN C 239 -5.22 -44.45 5.02
C ASN C 239 -5.64 -43.39 6.01
N ALA C 240 -5.41 -42.11 5.73
CA ALA C 240 -5.79 -41.05 6.64
C ALA C 240 -5.89 -39.74 5.86
N PHE C 241 -6.46 -38.73 6.50
CA PHE C 241 -6.59 -37.42 5.89
C PHE C 241 -6.79 -36.38 6.99
N ALA C 242 -6.45 -35.13 6.66
CA ALA C 242 -6.52 -34.03 7.61
C ALA C 242 -7.36 -32.91 7.02
N THR C 243 -7.98 -32.14 7.91
CA THR C 243 -8.90 -31.08 7.53
C THR C 243 -8.41 -29.72 8.02
N GLY C 244 -8.94 -28.67 7.38
CA GLY C 244 -8.71 -27.31 7.81
C GLY C 244 -10.00 -26.52 7.82
N SER C 245 -10.41 -26.02 8.98
CA SER C 245 -11.72 -25.41 9.14
C SER C 245 -11.61 -23.95 9.55
N ASP C 246 -12.77 -23.28 9.56
CA ASP C 246 -12.83 -21.87 9.93
C ASP C 246 -12.72 -21.67 11.44
N ASP C 247 -12.91 -22.71 12.24
CA ASP C 247 -12.84 -22.58 13.70
C ASP C 247 -11.41 -22.61 14.22
N ALA C 248 -10.43 -22.37 13.35
CA ALA C 248 -9.01 -22.32 13.73
C ALA C 248 -8.55 -23.64 14.34
N THR C 249 -8.96 -24.75 13.72
CA THR C 249 -8.57 -26.08 14.17
C THR C 249 -8.32 -26.97 12.97
N CYS C 250 -7.29 -27.80 13.06
CA CYS C 250 -7.00 -28.84 12.09
C CYS C 250 -7.14 -30.19 12.78
N ARG C 251 -7.83 -31.13 12.13
CA ARG C 251 -8.11 -32.42 12.72
C ARG C 251 -7.65 -33.53 11.78
N LEU C 252 -7.12 -34.60 12.36
CA LEU C 252 -6.70 -35.78 11.61
C LEU C 252 -7.72 -36.89 11.81
N PHE C 253 -8.25 -37.40 10.70
CA PHE C 253 -9.21 -38.50 10.73
C PHE C 253 -8.54 -39.78 10.23
N ASP C 254 -9.25 -40.88 10.40
CA ASP C 254 -8.81 -42.17 9.89
C ASP C 254 -9.95 -42.83 9.12
N LEU C 255 -9.62 -43.36 7.94
CA LEU C 255 -10.60 -44.10 7.17
C LEU C 255 -10.87 -45.47 7.77
N ARG C 256 -9.80 -46.17 8.16
CA ARG C 256 -9.92 -47.55 8.63
C ARG C 256 -10.53 -47.60 10.02
N ALA C 257 -10.14 -46.67 10.90
CA ALA C 257 -10.77 -46.58 12.22
C ALA C 257 -12.13 -45.90 12.18
N ASP C 258 -12.39 -45.08 11.14
CA ASP C 258 -13.66 -44.39 10.93
C ASP C 258 -13.94 -43.30 11.97
N GLN C 259 -12.91 -42.79 12.64
CA GLN C 259 -13.13 -41.75 13.63
C GLN C 259 -11.91 -40.84 13.70
N GLU C 260 -12.12 -39.66 14.30
CA GLU C 260 -11.06 -38.67 14.41
C GLU C 260 -9.93 -39.17 15.28
N LEU C 261 -8.70 -38.88 14.87
CA LEU C 261 -7.51 -39.38 15.56
C LEU C 261 -6.80 -38.29 16.36
N MET C 262 -6.44 -37.19 15.72
CA MET C 262 -5.65 -36.14 16.35
C MET C 262 -6.27 -34.78 16.08
N THR C 263 -5.99 -33.84 16.99
CA THR C 263 -6.44 -32.46 16.88
C THR C 263 -5.22 -31.54 16.85
N TYR C 264 -5.20 -30.61 15.91
CA TYR C 264 -4.09 -29.66 15.74
C TYR C 264 -4.64 -28.26 15.96
N SER C 265 -4.61 -27.81 17.22
CA SER C 265 -5.12 -26.50 17.57
C SER C 265 -4.21 -25.86 18.61
N HIS C 266 -4.24 -24.53 18.64
CA HIS C 266 -3.49 -23.75 19.62
C HIS C 266 -4.36 -22.62 20.11
N ASP C 267 -4.23 -22.28 21.39
CA ASP C 267 -5.10 -21.27 22.00
C ASP C 267 -4.94 -19.92 21.34
N ASN C 268 -3.70 -19.55 20.99
CA ASN C 268 -3.43 -18.24 20.41
C ASN C 268 -3.70 -18.17 18.91
N ILE C 269 -4.45 -19.12 18.36
CA ILE C 269 -4.86 -19.10 16.96
C ILE C 269 -6.35 -18.81 16.91
N ILE C 270 -6.73 -17.75 16.20
CA ILE C 270 -8.13 -17.35 16.11
C ILE C 270 -8.65 -17.33 14.68
N CYS C 271 -7.80 -17.30 13.67
CA CYS C 271 -8.24 -17.26 12.28
C CYS C 271 -8.34 -18.66 11.70
N GLY C 272 -9.30 -18.84 10.80
CA GLY C 272 -9.54 -20.15 10.22
C GLY C 272 -8.48 -20.54 9.21
N ILE C 273 -8.27 -21.85 9.10
CA ILE C 273 -7.29 -22.39 8.16
C ILE C 273 -7.83 -22.26 6.75
N THR C 274 -6.94 -21.95 5.80
CA THR C 274 -7.32 -21.81 4.40
C THR C 274 -6.80 -22.94 3.52
N SER C 275 -5.64 -23.50 3.83
CA SER C 275 -5.10 -24.59 3.03
C SER C 275 -4.20 -25.45 3.91
N VAL C 276 -4.22 -26.76 3.64
CA VAL C 276 -3.39 -27.72 4.37
C VAL C 276 -2.71 -28.63 3.37
N SER C 277 -1.62 -29.26 3.82
CA SER C 277 -0.90 -30.24 3.02
C SER C 277 -0.02 -31.07 3.95
N PHE C 278 0.46 -32.20 3.43
CA PHE C 278 1.27 -33.13 4.20
C PHE C 278 2.67 -33.22 3.60
N SER C 279 3.59 -33.77 4.40
CA SER C 279 4.97 -33.94 3.98
C SER C 279 5.16 -35.30 3.32
N LYS C 280 6.40 -35.57 2.89
CA LYS C 280 6.71 -36.83 2.21
C LYS C 280 6.47 -38.02 3.13
N SER C 281 7.06 -37.98 4.32
CA SER C 281 6.86 -39.05 5.30
C SER C 281 5.56 -38.89 6.09
N GLY C 282 4.84 -37.80 5.89
CA GLY C 282 3.65 -37.54 6.68
C GLY C 282 3.92 -37.15 8.11
N ARG C 283 5.19 -36.94 8.48
CA ARG C 283 5.49 -36.51 9.83
C ARG C 283 5.10 -35.05 10.06
N LEU C 284 5.18 -34.23 9.02
CA LEU C 284 4.88 -32.81 9.11
C LEU C 284 3.55 -32.51 8.43
N LEU C 285 2.67 -31.80 9.12
CA LEU C 285 1.42 -31.30 8.55
C LEU C 285 1.50 -29.79 8.50
N LEU C 286 1.56 -29.24 7.29
CA LEU C 286 1.64 -27.80 7.09
C LEU C 286 0.25 -27.25 6.81
N ALA C 287 -0.08 -26.13 7.43
CA ALA C 287 -1.38 -25.49 7.29
C ALA C 287 -1.20 -24.00 7.07
N GLY C 288 -1.97 -23.43 6.15
CA GLY C 288 -1.93 -22.01 5.88
C GLY C 288 -3.12 -21.31 6.52
N TYR C 289 -2.82 -20.33 7.37
CA TYR C 289 -3.82 -19.64 8.15
C TYR C 289 -4.11 -18.27 7.55
N ASP C 290 -5.04 -17.55 8.17
CA ASP C 290 -5.41 -16.21 7.72
C ASP C 290 -4.57 -15.12 8.37
N ASP C 291 -3.82 -15.45 9.43
CA ASP C 291 -2.95 -14.51 10.12
C ASP C 291 -1.64 -14.27 9.38
N PHE C 292 -1.55 -14.68 8.11
CA PHE C 292 -0.44 -14.47 7.18
C PHE C 292 0.71 -15.43 7.41
N ASN C 293 0.56 -16.41 8.31
CA ASN C 293 1.64 -17.31 8.67
C ASN C 293 1.19 -18.75 8.48
N CYS C 294 2.02 -19.55 7.81
CA CYS C 294 1.76 -20.97 7.64
C CYS C 294 2.47 -21.74 8.76
N ASN C 295 1.71 -22.45 9.57
CA ASN C 295 2.27 -23.21 10.68
C ASN C 295 2.69 -24.60 10.23
N VAL C 296 3.65 -25.17 10.94
CA VAL C 296 4.15 -26.52 10.70
C VAL C 296 3.81 -27.37 11.92
N TRP C 297 3.10 -28.47 11.70
CA TRP C 297 2.61 -29.31 12.77
C TRP C 297 3.28 -30.68 12.70
N ASP C 298 3.68 -31.20 13.86
CA ASP C 298 4.08 -32.60 13.95
C ASP C 298 2.82 -33.45 13.93
N ALA C 299 2.68 -34.29 12.90
CA ALA C 299 1.43 -35.01 12.71
C ALA C 299 1.14 -35.97 13.84
N LEU C 300 2.19 -36.67 14.33
CA LEU C 300 1.99 -37.70 15.33
C LEU C 300 1.81 -37.12 16.74
N LYS C 301 2.47 -36.00 17.04
CA LYS C 301 2.47 -35.45 18.38
C LYS C 301 1.61 -34.19 18.52
N ALA C 302 1.10 -33.64 17.42
CA ALA C 302 0.28 -32.43 17.36
C ALA C 302 1.04 -31.18 17.77
N ASP C 303 2.34 -31.27 18.05
CA ASP C 303 3.12 -30.09 18.39
C ASP C 303 3.33 -29.21 17.17
N ARG C 304 3.69 -27.96 17.42
CA ARG C 304 4.03 -27.01 16.38
C ARG C 304 5.54 -26.79 16.41
N ALA C 305 6.20 -27.06 15.29
CA ALA C 305 7.66 -27.04 15.24
C ALA C 305 8.23 -25.94 14.36
N GLY C 306 7.39 -25.17 13.69
CA GLY C 306 7.90 -24.12 12.82
C GLY C 306 6.76 -23.30 12.25
N VAL C 307 7.11 -22.07 11.88
CA VAL C 307 6.18 -21.12 11.28
C VAL C 307 6.82 -20.54 10.04
N LEU C 308 6.08 -20.54 8.93
CA LEU C 308 6.55 -19.90 7.69
C LEU C 308 5.91 -18.52 7.58
N ALA C 309 6.41 -17.61 8.41
CA ALA C 309 5.85 -16.26 8.52
C ALA C 309 6.66 -15.34 7.62
N GLY C 310 6.19 -15.19 6.38
CA GLY C 310 6.85 -14.29 5.45
C GLY C 310 5.90 -13.59 4.49
N HIS C 311 4.61 -13.74 4.70
CA HIS C 311 3.60 -13.27 3.75
C HIS C 311 2.95 -11.99 4.27
N ASP C 312 2.75 -11.04 3.35
CA ASP C 312 2.18 -9.75 3.72
C ASP C 312 0.67 -9.82 3.94
N ASN C 313 -0.03 -10.59 3.12
CA ASN C 313 -1.48 -10.70 3.20
C ASN C 313 -1.89 -12.14 3.51
N ARG C 314 -3.19 -12.39 3.47
CA ARG C 314 -3.73 -13.70 3.82
C ARG C 314 -3.13 -14.80 2.97
N VAL C 315 -2.73 -15.90 3.62
CA VAL C 315 -2.27 -17.08 2.90
C VAL C 315 -3.47 -17.86 2.40
N SER C 316 -3.49 -18.16 1.11
CA SER C 316 -4.65 -18.77 0.48
C SER C 316 -4.42 -20.20 -0.01
N CYS C 317 -3.20 -20.55 -0.41
CA CYS C 317 -2.93 -21.87 -0.94
C CYS C 317 -1.63 -22.40 -0.36
N LEU C 318 -1.40 -23.70 -0.56
CA LEU C 318 -0.31 -24.42 0.09
C LEU C 318 -0.06 -25.76 -0.58
N GLY C 319 1.21 -26.09 -0.80
CA GLY C 319 1.54 -27.36 -1.42
C GLY C 319 2.95 -27.83 -1.13
N VAL C 320 3.12 -29.13 -0.99
CA VAL C 320 4.41 -29.77 -0.77
C VAL C 320 4.72 -30.64 -1.97
N THR C 321 5.99 -30.62 -2.41
CA THR C 321 6.38 -31.34 -3.61
C THR C 321 6.20 -32.85 -3.43
N ASP C 322 6.13 -33.55 -4.56
CA ASP C 322 5.98 -35.00 -4.53
C ASP C 322 7.24 -35.67 -3.99
N ASP C 323 8.41 -35.15 -4.33
CA ASP C 323 9.65 -35.66 -3.76
C ASP C 323 9.94 -35.11 -2.37
N GLY C 324 9.13 -34.18 -1.88
CA GLY C 324 9.30 -33.64 -0.55
C GLY C 324 10.36 -32.55 -0.42
N MET C 325 10.89 -32.07 -1.54
CA MET C 325 12.01 -31.13 -1.47
C MET C 325 11.59 -29.74 -1.03
N ALA C 326 10.48 -29.22 -1.55
CA ALA C 326 10.12 -27.83 -1.36
C ALA C 326 8.66 -27.72 -0.91
N VAL C 327 8.32 -26.52 -0.44
CA VAL C 327 6.95 -26.16 -0.06
C VAL C 327 6.66 -24.78 -0.64
N ALA C 328 5.56 -24.66 -1.38
CA ALA C 328 5.16 -23.40 -1.96
C ALA C 328 4.00 -22.80 -1.18
N THR C 329 3.93 -21.47 -1.16
CA THR C 329 2.89 -20.74 -0.46
C THR C 329 2.42 -19.59 -1.32
N GLY C 330 1.11 -19.51 -1.54
CA GLY C 330 0.53 -18.36 -2.21
C GLY C 330 -0.25 -17.52 -1.21
N SER C 331 -0.49 -16.26 -1.55
CA SER C 331 -1.13 -15.37 -0.61
C SER C 331 -1.89 -14.29 -1.37
N TRP C 332 -2.66 -13.50 -0.61
CA TRP C 332 -3.40 -12.38 -1.18
C TRP C 332 -2.50 -11.20 -1.54
N ASP C 333 -1.23 -11.23 -1.14
CA ASP C 333 -0.28 -10.20 -1.54
C ASP C 333 0.25 -10.41 -2.96
N SER C 334 -0.16 -11.49 -3.62
CA SER C 334 0.17 -11.81 -5.02
C SER C 334 1.62 -12.28 -5.17
N PHE C 335 2.19 -12.85 -4.11
CA PHE C 335 3.55 -13.38 -4.17
C PHE C 335 3.53 -14.87 -3.81
N LEU C 336 4.34 -15.65 -4.52
CA LEU C 336 4.56 -17.05 -4.19
C LEU C 336 5.93 -17.20 -3.55
N LYS C 337 5.99 -17.98 -2.47
CA LYS C 337 7.21 -18.14 -1.69
C LYS C 337 7.52 -19.61 -1.52
N ILE C 338 8.68 -20.03 -2.03
CA ILE C 338 9.13 -21.42 -1.96
C ILE C 338 9.94 -21.58 -0.68
N TRP C 339 9.55 -22.54 0.16
CA TRP C 339 10.23 -22.80 1.42
C TRP C 339 10.99 -24.12 1.36
N ASN C 340 12.11 -24.17 2.07
CA ASN C 340 12.93 -25.37 2.16
C ASN C 340 13.87 -25.28 3.35
N THR D 2 -45.58 -36.46 1.04
CA THR D 2 -45.44 -35.88 -0.29
C THR D 2 -44.23 -36.47 -1.01
N ALA D 3 -43.26 -35.60 -1.34
CA ALA D 3 -42.04 -36.04 -2.01
C ALA D 3 -40.87 -36.19 -1.06
N SER D 4 -40.92 -35.58 0.13
CA SER D 4 -39.83 -35.69 1.08
C SER D 4 -39.70 -37.08 1.69
N ILE D 5 -40.68 -37.96 1.46
CA ILE D 5 -40.55 -39.35 1.90
C ILE D 5 -39.36 -40.01 1.23
N ALA D 6 -39.22 -39.79 -0.09
CA ALA D 6 -38.10 -40.39 -0.82
C ALA D 6 -36.77 -39.81 -0.36
N GLN D 7 -36.72 -38.51 -0.09
CA GLN D 7 -35.48 -37.88 0.38
C GLN D 7 -35.09 -38.43 1.74
N ALA D 8 -36.04 -38.50 2.68
CA ALA D 8 -35.76 -39.08 3.98
C ALA D 8 -35.46 -40.57 3.88
N ARG D 9 -36.05 -41.25 2.90
CA ARG D 9 -35.74 -42.65 2.67
C ARG D 9 -34.29 -42.83 2.25
N LYS D 10 -33.83 -42.00 1.30
CA LYS D 10 -32.43 -42.09 0.86
C LYS D 10 -31.46 -41.76 1.98
N LEU D 11 -31.85 -40.88 2.90
CA LEU D 11 -31.01 -40.58 4.05
C LEU D 11 -30.81 -41.82 4.92
N VAL D 12 -31.88 -42.59 5.13
CA VAL D 12 -31.77 -43.79 5.96
C VAL D 12 -30.88 -44.84 5.30
N GLU D 13 -31.05 -45.05 3.99
CA GLU D 13 -30.20 -46.01 3.28
C GLU D 13 -28.73 -45.61 3.37
N GLN D 14 -28.43 -44.36 3.00
CA GLN D 14 -27.06 -43.86 3.10
C GLN D 14 -26.52 -44.02 4.52
N LEU D 15 -27.37 -43.77 5.52
CA LEU D 15 -26.94 -43.90 6.90
C LEU D 15 -26.77 -45.35 7.31
N LYS D 16 -27.49 -46.28 6.65
CA LYS D 16 -27.34 -47.69 6.99
C LYS D 16 -26.01 -48.26 6.50
N MET D 17 -25.61 -47.92 5.27
CA MET D 17 -24.31 -48.39 4.78
C MET D 17 -23.17 -47.83 5.62
N GLU D 18 -23.39 -46.68 6.28
CA GLU D 18 -22.37 -46.13 7.17
C GLU D 18 -22.25 -46.92 8.46
N ALA D 19 -23.32 -47.60 8.89
CA ALA D 19 -23.29 -48.30 10.16
C ALA D 19 -22.56 -49.64 10.07
N ASN D 20 -22.68 -50.34 8.94
CA ASN D 20 -22.13 -51.68 8.78
C ASN D 20 -20.86 -51.68 7.91
N ILE D 21 -19.74 -51.36 8.54
CA ILE D 21 -18.43 -51.39 7.90
C ILE D 21 -17.42 -51.96 8.88
N ASP D 22 -16.29 -52.41 8.35
CA ASP D 22 -15.22 -52.96 9.18
C ASP D 22 -14.49 -51.80 9.86
N ARG D 23 -14.56 -51.76 11.19
CA ARG D 23 -13.90 -50.71 11.98
C ARG D 23 -12.92 -51.37 12.94
N ILE D 24 -11.66 -50.98 12.84
CA ILE D 24 -10.59 -51.50 13.69
C ILE D 24 -10.49 -50.70 14.98
N LYS D 25 -9.71 -51.21 15.94
CA LYS D 25 -9.42 -50.45 17.13
C LYS D 25 -8.60 -49.21 16.79
N VAL D 26 -8.81 -48.14 17.57
CA VAL D 26 -8.02 -46.93 17.36
C VAL D 26 -6.56 -47.18 17.68
N SER D 27 -6.26 -48.15 18.55
CA SER D 27 -4.88 -48.46 18.90
C SER D 27 -4.09 -48.93 17.68
N LYS D 28 -4.66 -49.86 16.92
CA LYS D 28 -4.00 -50.30 15.69
C LYS D 28 -3.94 -49.17 14.67
N ALA D 29 -4.94 -48.28 14.67
CA ALA D 29 -4.92 -47.14 13.76
C ALA D 29 -3.73 -46.23 14.03
N ALA D 30 -3.47 -45.96 15.32
CA ALA D 30 -2.30 -45.14 15.67
C ALA D 30 -1.01 -45.88 15.40
N ALA D 31 -0.96 -47.18 15.70
CA ALA D 31 0.28 -47.94 15.57
C ALA D 31 0.75 -48.00 14.13
N ASP D 32 -0.16 -48.23 13.19
CA ASP D 32 0.21 -48.34 11.78
C ASP D 32 0.31 -47.00 11.09
N LEU D 33 0.01 -45.90 11.77
CA LEU D 33 0.25 -44.57 11.22
C LEU D 33 1.68 -44.12 11.46
N MET D 34 2.22 -44.45 12.64
CA MET D 34 3.61 -44.13 12.94
C MET D 34 4.57 -44.94 12.07
N ALA D 35 4.26 -46.23 11.86
CA ALA D 35 5.15 -47.10 11.12
C ALA D 35 5.45 -46.57 9.73
N TYR D 36 4.48 -45.88 9.11
CA TYR D 36 4.74 -45.25 7.82
C TYR D 36 5.75 -44.11 7.96
N CYS D 37 5.76 -43.42 9.10
CA CYS D 37 6.68 -42.31 9.29
C CYS D 37 8.10 -42.80 9.57
N GLU D 38 8.24 -43.80 10.45
CA GLU D 38 9.57 -44.34 10.71
C GLU D 38 10.18 -44.99 9.47
N ALA D 39 9.33 -45.56 8.61
CA ALA D 39 9.83 -46.18 7.39
C ALA D 39 10.39 -45.13 6.42
N HIS D 40 9.77 -43.96 6.36
CA HIS D 40 10.15 -42.91 5.43
C HIS D 40 10.79 -41.70 6.11
N ALA D 41 11.18 -41.83 7.38
CA ALA D 41 11.81 -40.71 8.08
C ALA D 41 13.12 -40.32 7.42
N LYS D 42 13.94 -41.30 7.04
CA LYS D 42 15.20 -41.00 6.37
C LYS D 42 14.98 -40.37 5.00
N GLU D 43 13.97 -40.85 4.26
CA GLU D 43 13.70 -40.30 2.93
C GLU D 43 13.11 -38.90 2.99
N ASP D 44 12.52 -38.51 4.11
CA ASP D 44 11.85 -37.22 4.20
C ASP D 44 12.87 -36.09 4.09
N PRO D 45 12.77 -35.20 3.12
CA PRO D 45 13.77 -34.14 2.94
C PRO D 45 13.61 -33.00 3.94
N LEU D 46 12.36 -32.66 4.27
CA LEU D 46 12.12 -31.55 5.19
C LEU D 46 12.22 -31.95 6.65
N LEU D 47 11.98 -33.22 6.98
CA LEU D 47 12.04 -33.66 8.37
C LEU D 47 13.48 -33.68 8.87
N THR D 48 14.31 -34.52 8.27
CA THR D 48 15.74 -34.49 8.55
C THR D 48 16.41 -33.49 7.61
N PRO D 49 17.09 -32.46 8.14
CA PRO D 49 17.71 -31.46 7.26
C PRO D 49 18.63 -32.07 6.22
N VAL D 50 18.22 -31.97 4.95
CA VAL D 50 19.05 -32.48 3.85
C VAL D 50 20.25 -31.57 3.67
N PRO D 51 21.44 -32.10 3.36
CA PRO D 51 22.60 -31.23 3.18
C PRO D 51 22.40 -30.23 2.05
N ALA D 52 23.00 -29.05 2.21
CA ALA D 52 22.90 -28.01 1.20
C ALA D 52 23.45 -28.48 -0.15
N SER D 53 24.39 -29.43 -0.13
CA SER D 53 24.93 -29.95 -1.38
C SER D 53 23.85 -30.64 -2.20
N GLU D 54 22.87 -31.25 -1.55
CA GLU D 54 21.80 -31.96 -2.25
C GLU D 54 20.63 -31.06 -2.62
N ASN D 55 20.45 -29.95 -1.89
CA ASN D 55 19.33 -29.05 -2.17
C ASN D 55 19.47 -28.46 -3.58
N PRO D 56 18.43 -28.54 -4.40
CA PRO D 56 18.42 -27.82 -5.68
C PRO D 56 17.96 -26.37 -5.57
N PHE D 57 17.58 -25.93 -4.37
CA PHE D 57 17.08 -24.58 -4.15
C PHE D 57 18.10 -23.65 -3.54
N ARG D 58 19.32 -24.12 -3.27
CA ARG D 58 20.37 -23.29 -2.68
C ARG D 58 20.69 -22.09 -3.57
C29 UK4 E . 28.78 33.86 -0.69
C28 UK4 E . 27.82 34.93 -0.90
C27 UK4 E . 28.48 35.70 0.09
C26 UK4 E . 27.59 36.14 1.20
C20 UK4 E . 22.41 35.51 -0.85
C13 UK4 E . 28.44 34.13 3.35
C11 UK4 E . 27.24 35.55 4.94
C10 UK4 E . 27.34 36.28 6.27
C14 UK4 E . 27.08 34.19 2.64
C16 UK4 E . 25.07 33.71 2.04
C17 UK4 E . 23.78 33.18 1.85
C18 UK4 E . 22.94 33.76 0.91
C19 UK4 E . 23.36 34.86 0.17
C02 UK4 E . 33.66 37.59 6.12
C03 UK4 E . 33.32 38.54 7.06
C04 UK4 E . 32.98 38.11 8.49
C06 UK4 E . 30.79 38.98 8.54
C08 UK4 E . 29.15 37.76 7.47
C09 UK4 E . 28.73 36.44 6.84
C23 UK4 E . 24.63 35.38 0.36
C24 UK4 E . 25.49 34.80 1.31
C31 UK4 E . 29.59 35.84 4.52
C32 UK4 E . 29.86 36.49 5.87
C33 UK4 E . 28.27 38.83 7.51
C34 UK4 E . 28.69 40.01 8.09
C35 UK4 E . 29.97 40.08 8.62
C36 UK4 E . 33.29 39.88 6.69
C37 UK4 E . 33.59 40.25 5.39
C38 UK4 E . 33.94 39.28 4.46
C39 UK4 E . 34.28 39.68 3.03
C41 UK4 E . 33.97 37.94 4.83
F01 UK4 E . 33.70 36.27 6.48
N07 UK4 E . 30.35 37.87 7.98
N12 UK4 E . 28.49 34.85 4.62
N15 UK4 E . 26.07 33.36 2.84
N25 UK4 E . 26.75 35.06 1.70
N40 UK4 E . 34.54 39.97 1.97
O05 UK4 E . 32.09 39.02 9.07
O21 UK4 E . 21.40 34.88 -1.24
O22 UK4 E . 22.65 36.66 -1.29
O30 UK4 E . 29.31 34.56 0.43
#